data_1F1V
#
_entry.id   1F1V
#
_cell.length_a   139.420
_cell.length_b   59.300
_cell.length_c   103.200
_cell.angle_alpha   90.00
_cell.angle_beta   118.39
_cell.angle_gamma   90.00
#
_symmetry.space_group_name_H-M   'C 1 2 1'
#
loop_
_entity.id
_entity.type
_entity.pdbx_description
1 polymer 'HOMOPROTOCATECHUATE 2,3-DIOXYGENASE'
2 non-polymer 'MANGANESE (II) ION'
3 non-polymer '2-(3,4-DIHYDROXYPHENYL)ACETIC ACID'
4 water water
#
_entity_poly.entity_id   1
_entity_poly.type   'polypeptide(L)'
_entity_poly.pdbx_seq_one_letter_code
;MTNFVPTPSVPAPDIVRCAYMEIVVTDLAKSREFYVDVLGLHVTEEDENTIYLRSLEEFIHHNLVLRQGPIAAVAAFAYR
VKSPAEVDAAEAYYKELGCRTERRKEGFTKGIGDSVRVEDPLGFPYEFFYETEHVERLTQRYDLYSAGELVRLDHFNQVT
PDVPRGRAYLEDLGFRVSEDIKDSDGVTYAAWMHRKQTVHDTALTGGNGPRMHHVAFATHEKHNIIQICDKMGALRISDR
IERGPGRHGVSNAFYLYILDPDGHRIEIYTQDYYTGDPDNPTITWDVHDNQRRDWWGNPVVPSWYTEASLVLDLDGNPQP
VIV
;
_entity_poly.pdbx_strand_id   A,B
#
# COMPACT_ATOMS: atom_id res chain seq x y z
N PHE A 4 21.27 -11.39 22.49
CA PHE A 4 20.08 -11.56 21.64
C PHE A 4 19.02 -12.46 22.22
N VAL A 5 17.77 -12.09 21.94
CA VAL A 5 16.64 -12.86 22.36
C VAL A 5 16.72 -14.14 21.55
N PRO A 6 16.53 -15.30 22.20
CA PRO A 6 16.59 -16.60 21.52
C PRO A 6 15.50 -16.66 20.47
N THR A 7 15.70 -17.47 19.45
CA THR A 7 14.73 -17.66 18.38
C THR A 7 13.93 -18.92 18.74
N PRO A 8 12.59 -18.83 19.02
CA PRO A 8 11.71 -19.95 19.38
C PRO A 8 11.67 -21.07 18.33
N SER A 9 11.26 -22.26 18.75
CA SER A 9 11.18 -23.34 17.82
C SER A 9 9.81 -23.39 17.16
N VAL A 10 8.84 -22.66 17.72
CA VAL A 10 7.49 -22.63 17.10
C VAL A 10 7.45 -21.44 16.12
N PRO A 11 6.64 -21.53 15.07
CA PRO A 11 6.62 -20.40 14.13
C PRO A 11 6.04 -19.13 14.72
N ALA A 12 6.47 -18.01 14.17
CA ALA A 12 5.97 -16.71 14.61
C ALA A 12 4.52 -16.52 14.14
N PRO A 13 3.71 -15.73 14.87
CA PRO A 13 2.33 -15.51 14.41
C PRO A 13 2.45 -14.70 13.08
N ASP A 14 1.55 -14.96 12.13
CA ASP A 14 1.55 -14.25 10.83
C ASP A 14 0.86 -12.91 11.08
N ILE A 15 1.64 -11.85 11.17
CA ILE A 15 1.14 -10.52 11.42
C ILE A 15 0.78 -9.72 10.14
N VAL A 16 -0.52 -9.18 10.08
CA VAL A 16 -0.89 -8.39 8.91
C VAL A 16 -0.45 -6.93 8.98
N ARG A 17 -0.61 -6.19 10.14
CA ARG A 17 -0.28 -4.74 10.24
C ARG A 17 -0.50 -4.22 11.67
N CYS A 18 0.03 -3.03 11.99
CA CYS A 18 -0.29 -2.44 13.27
C CYS A 18 -1.79 -2.08 13.12
N ALA A 19 -2.55 -2.18 14.20
CA ALA A 19 -4.00 -1.91 14.09
C ALA A 19 -4.51 -0.84 15.03
N TYR A 20 -4.04 -0.83 16.28
CA TYR A 20 -4.49 0.23 17.20
C TYR A 20 -3.62 0.38 18.40
N MET A 21 -3.77 1.51 19.09
CA MET A 21 -2.99 1.71 20.30
C MET A 21 -3.94 2.10 21.41
N GLU A 22 -3.70 1.58 22.62
CA GLU A 22 -4.58 1.96 23.75
C GLU A 22 -3.76 2.93 24.58
N ILE A 23 -4.27 4.15 24.69
CA ILE A 23 -3.56 5.23 25.41
C ILE A 23 -4.28 5.63 26.71
N VAL A 24 -3.53 5.85 27.79
CA VAL A 24 -4.12 6.31 29.03
C VAL A 24 -3.86 7.78 29.12
N VAL A 25 -4.93 8.55 29.33
CA VAL A 25 -4.89 9.99 29.45
C VAL A 25 -5.33 10.43 30.85
N THR A 26 -4.97 11.64 31.27
CA THR A 26 -5.33 12.07 32.61
C THR A 26 -6.63 12.78 32.74
N ASP A 27 -7.12 13.39 31.67
CA ASP A 27 -8.39 14.08 31.68
C ASP A 27 -9.04 13.75 30.33
N LEU A 28 -9.98 12.80 30.33
CA LEU A 28 -10.65 12.37 29.11
C LEU A 28 -11.33 13.50 28.31
N ALA A 29 -11.93 14.48 29.00
CA ALA A 29 -12.58 15.58 28.31
C ALA A 29 -11.62 16.46 27.54
N LYS A 30 -10.47 16.74 28.15
CA LYS A 30 -9.46 17.57 27.51
C LYS A 30 -8.90 16.79 26.29
N SER A 31 -8.68 15.49 26.47
CA SER A 31 -8.15 14.67 25.39
C SER A 31 -9.15 14.55 24.27
N ARG A 32 -10.43 14.33 24.60
CA ARG A 32 -11.43 14.25 23.54
C ARG A 32 -11.39 15.53 22.69
N GLU A 33 -11.32 16.67 23.33
CA GLU A 33 -11.29 17.93 22.59
C GLU A 33 -10.12 17.92 21.54
N PHE A 34 -8.95 17.49 21.95
CA PHE A 34 -7.81 17.43 21.03
C PHE A 34 -8.00 16.39 19.91
N TYR A 35 -8.33 15.15 20.27
CA TYR A 35 -8.49 14.11 19.25
C TYR A 35 -9.73 14.21 18.33
N VAL A 36 -10.84 14.73 18.86
CA VAL A 36 -12.05 14.81 18.07
C VAL A 36 -12.24 16.21 17.53
N ASP A 37 -12.34 17.19 18.39
CA ASP A 37 -12.56 18.54 17.90
C ASP A 37 -11.39 19.16 17.11
N VAL A 38 -10.14 18.92 17.53
CA VAL A 38 -9.03 19.50 16.79
C VAL A 38 -8.59 18.59 15.60
N LEU A 39 -8.21 17.34 15.89
CA LEU A 39 -7.75 16.43 14.85
C LEU A 39 -8.82 15.82 13.97
N GLY A 40 -10.07 15.79 14.44
CA GLY A 40 -11.10 15.28 13.56
C GLY A 40 -11.24 13.75 13.48
N LEU A 41 -10.66 13.01 14.40
CA LEU A 41 -10.85 11.54 14.34
C LEU A 41 -12.36 11.24 14.62
N HIS A 42 -12.82 10.09 14.11
CA HIS A 42 -14.23 9.70 14.23
C HIS A 42 -14.46 8.75 15.39
N VAL A 43 -15.48 9.09 16.17
CA VAL A 43 -15.84 8.33 17.36
C VAL A 43 -16.62 7.08 16.97
N THR A 44 -16.07 5.90 17.21
CA THR A 44 -16.84 4.71 16.92
C THR A 44 -17.88 4.57 18.04
N GLU A 45 -17.46 4.74 19.29
CA GLU A 45 -18.38 4.73 20.44
C GLU A 45 -17.63 5.25 21.66
N GLU A 46 -18.36 5.62 22.71
CA GLU A 46 -17.71 6.13 23.91
C GLU A 46 -18.55 6.00 25.18
N ASP A 47 -17.89 6.05 26.34
CA ASP A 47 -18.59 6.05 27.61
C ASP A 47 -17.87 7.02 28.49
N GLU A 48 -18.26 7.06 29.77
CA GLU A 48 -17.67 7.98 30.73
C GLU A 48 -16.18 7.83 30.91
N ASN A 49 -15.65 6.64 30.69
CA ASN A 49 -14.20 6.43 30.88
C ASN A 49 -13.38 6.05 29.66
N THR A 50 -14.00 5.90 28.50
CA THR A 50 -13.25 5.43 27.35
C THR A 50 -13.82 5.93 26.05
N ILE A 51 -12.93 6.23 25.12
CA ILE A 51 -13.33 6.70 23.79
C ILE A 51 -12.66 5.82 22.75
N TYR A 52 -13.45 5.38 21.78
CA TYR A 52 -12.94 4.55 20.69
C TYR A 52 -12.97 5.38 19.43
N LEU A 53 -11.79 5.59 18.87
CA LEU A 53 -11.67 6.42 17.66
C LEU A 53 -11.12 5.65 16.47
N ARG A 54 -11.52 6.08 15.28
CA ARG A 54 -10.97 5.46 14.06
C ARG A 54 -10.73 6.56 13.02
N SER A 55 -9.90 6.24 12.04
CA SER A 55 -9.55 7.14 10.94
C SER A 55 -10.56 6.97 9.79
N LEU A 56 -10.55 7.90 8.84
CA LEU A 56 -11.56 7.85 7.78
C LEU A 56 -11.74 6.53 6.99
N GLU A 57 -10.64 5.92 6.57
CA GLU A 57 -10.77 4.74 5.77
C GLU A 57 -10.72 3.41 6.48
N GLU A 58 -10.85 3.43 7.80
CA GLU A 58 -10.75 2.21 8.59
C GLU A 58 -12.09 1.48 8.68
N PHE A 59 -12.08 0.14 8.67
CA PHE A 59 -13.33 -0.60 8.80
C PHE A 59 -13.34 -1.42 10.11
N ILE A 60 -12.18 -1.63 10.75
CA ILE A 60 -12.17 -2.36 12.05
C ILE A 60 -12.67 -1.36 13.11
N HIS A 61 -13.05 -1.87 14.29
CA HIS A 61 -13.69 -1.04 15.28
C HIS A 61 -12.99 0.27 15.68
N HIS A 62 -11.68 0.27 15.83
CA HIS A 62 -10.97 1.46 16.24
C HIS A 62 -9.50 1.36 15.93
N ASN A 63 -8.87 2.54 15.88
CA ASN A 63 -7.42 2.65 15.69
C ASN A 63 -6.79 3.24 16.96
N LEU A 64 -7.63 3.87 17.81
CA LEU A 64 -7.17 4.46 19.07
C LEU A 64 -8.20 4.24 20.15
N VAL A 65 -7.70 3.96 21.35
CA VAL A 65 -8.58 3.84 22.50
C VAL A 65 -8.04 4.82 23.50
N LEU A 66 -8.87 5.75 23.95
CA LEU A 66 -8.45 6.67 24.99
C LEU A 66 -9.13 6.16 26.27
N ARG A 67 -8.32 6.05 27.32
CA ARG A 67 -8.80 5.54 28.59
C ARG A 67 -8.32 6.46 29.70
N GLN A 68 -9.26 6.85 30.55
CA GLN A 68 -8.99 7.71 31.70
C GLN A 68 -8.17 6.95 32.72
N GLY A 69 -7.12 7.56 33.24
CA GLY A 69 -6.26 6.89 34.23
C GLY A 69 -5.40 7.86 35.05
N PRO A 70 -4.79 7.39 36.15
CA PRO A 70 -3.95 8.27 36.99
C PRO A 70 -2.61 8.70 36.38
N ILE A 71 -2.01 7.85 35.56
CA ILE A 71 -0.70 8.20 34.96
C ILE A 71 -0.77 8.09 33.43
N ALA A 72 -0.45 9.17 32.71
CA ALA A 72 -0.49 9.07 31.25
C ALA A 72 0.52 8.02 30.81
N ALA A 73 0.10 7.10 29.94
CA ALA A 73 1.01 6.04 29.49
C ALA A 73 0.34 5.25 28.36
N VAL A 74 1.08 4.37 27.71
CA VAL A 74 0.54 3.54 26.66
C VAL A 74 0.33 2.14 27.23
N ALA A 75 -0.90 1.65 27.15
CA ALA A 75 -1.24 0.34 27.66
C ALA A 75 -1.07 -0.81 26.67
N ALA A 76 -1.13 -0.55 25.35
CA ALA A 76 -1.00 -1.64 24.40
C ALA A 76 -0.69 -1.17 22.97
N PHE A 77 0.17 -1.90 22.28
CA PHE A 77 0.48 -1.68 20.85
C PHE A 77 -0.20 -2.91 20.27
N ALA A 78 -1.26 -2.74 19.49
CA ALA A 78 -1.96 -3.91 18.99
C ALA A 78 -1.74 -4.19 17.50
N TYR A 79 -1.52 -5.46 17.13
CA TYR A 79 -1.28 -5.88 15.74
C TYR A 79 -2.35 -6.87 15.35
N ARG A 80 -2.85 -6.77 14.12
CA ARG A 80 -3.86 -7.73 13.71
C ARG A 80 -3.12 -8.89 13.03
N VAL A 81 -3.56 -10.12 13.32
CA VAL A 81 -2.90 -11.29 12.75
C VAL A 81 -3.79 -11.84 11.66
N LYS A 82 -3.25 -12.77 10.88
CA LYS A 82 -3.98 -13.26 9.71
C LYS A 82 -5.23 -14.08 9.86
N SER A 83 -5.38 -14.82 10.97
CA SER A 83 -6.53 -15.69 11.13
C SER A 83 -6.59 -16.03 12.62
N PRO A 84 -7.72 -16.61 13.06
CA PRO A 84 -7.92 -17.00 14.46
C PRO A 84 -6.80 -17.89 14.98
N ALA A 85 -6.31 -18.77 14.14
CA ALA A 85 -5.26 -19.65 14.59
C ALA A 85 -3.95 -18.92 14.92
N GLU A 86 -3.71 -17.75 14.32
CA GLU A 86 -2.47 -17.01 14.61
C GLU A 86 -2.52 -16.43 16.03
N VAL A 87 -3.73 -16.28 16.62
CA VAL A 87 -3.73 -15.81 17.99
C VAL A 87 -3.08 -16.94 18.83
N ASP A 88 -3.44 -18.19 18.57
CA ASP A 88 -2.82 -19.32 19.27
C ASP A 88 -1.33 -19.34 19.01
N ALA A 89 -0.92 -19.10 17.78
CA ALA A 89 0.54 -19.12 17.50
C ALA A 89 1.29 -18.02 18.25
N ALA A 90 0.66 -16.87 18.44
CA ALA A 90 1.29 -15.75 19.13
C ALA A 90 1.50 -16.11 20.62
N GLU A 91 0.49 -16.67 21.26
CA GLU A 91 0.60 -17.10 22.64
C GLU A 91 1.71 -18.14 22.80
N ALA A 92 1.75 -19.13 21.92
CA ALA A 92 2.76 -20.18 22.01
C ALA A 92 4.18 -19.67 21.79
N TYR A 93 4.33 -18.70 20.90
CA TYR A 93 5.61 -18.14 20.59
C TYR A 93 6.21 -17.36 21.77
N TYR A 94 5.38 -16.55 22.44
CA TYR A 94 5.87 -15.77 23.57
C TYR A 94 6.02 -16.62 24.84
N LYS A 95 5.22 -17.67 24.97
CA LYS A 95 5.36 -18.54 26.14
C LYS A 95 6.72 -19.20 26.01
N GLU A 96 7.07 -19.62 24.80
CA GLU A 96 8.36 -20.25 24.61
C GLU A 96 9.52 -19.32 24.92
N LEU A 97 9.30 -18.00 24.77
CA LEU A 97 10.34 -17.00 25.07
C LEU A 97 10.37 -16.69 26.56
N GLY A 98 9.45 -17.27 27.32
CA GLY A 98 9.41 -17.04 28.74
C GLY A 98 8.73 -15.73 29.13
N CYS A 99 7.90 -15.19 28.24
CA CYS A 99 7.23 -13.92 28.53
C CYS A 99 5.92 -14.13 29.20
N ARG A 100 5.54 -13.15 30.00
CA ARG A 100 4.27 -13.15 30.65
C ARG A 100 3.22 -12.93 29.57
N THR A 101 2.19 -13.76 29.54
CA THR A 101 1.12 -13.61 28.57
C THR A 101 -0.25 -13.70 29.20
N GLU A 102 -1.22 -13.03 28.58
CA GLU A 102 -2.55 -13.10 29.12
C GLU A 102 -3.50 -13.13 27.97
N ARG A 103 -4.30 -14.19 27.92
CA ARG A 103 -5.27 -14.32 26.87
C ARG A 103 -6.69 -14.15 27.36
N ARG A 104 -7.48 -13.39 26.61
CA ARG A 104 -8.87 -13.15 26.93
C ARG A 104 -9.71 -13.45 25.70
N LYS A 105 -10.51 -14.51 25.81
CA LYS A 105 -11.39 -14.92 24.72
C LYS A 105 -12.31 -13.81 24.32
N GLU A 106 -12.69 -12.97 25.28
CA GLU A 106 -13.62 -11.90 24.97
C GLU A 106 -12.99 -10.55 24.67
N GLY A 107 -11.66 -10.50 24.56
CA GLY A 107 -10.94 -9.26 24.26
C GLY A 107 -10.60 -8.35 25.42
N PHE A 108 -9.65 -7.44 25.20
CA PHE A 108 -9.28 -6.51 26.22
C PHE A 108 -9.98 -5.17 26.04
N THR A 109 -10.38 -4.84 24.80
CA THR A 109 -11.04 -3.55 24.57
C THR A 109 -12.32 -3.86 23.80
N LYS A 110 -13.34 -3.00 23.89
CA LYS A 110 -14.58 -3.25 23.18
C LYS A 110 -14.35 -3.36 21.67
N GLY A 111 -15.13 -4.25 21.03
CA GLY A 111 -15.07 -4.40 19.61
C GLY A 111 -14.00 -5.36 19.15
N ILE A 112 -13.12 -5.82 20.04
CA ILE A 112 -12.09 -6.78 19.68
C ILE A 112 -12.42 -8.14 20.32
N GLY A 113 -12.19 -9.22 19.59
CA GLY A 113 -12.47 -10.55 20.12
C GLY A 113 -11.27 -11.19 20.77
N ASP A 114 -11.07 -12.37 20.63
CA ASP A 114 -10.05 -13.26 21.18
C ASP A 114 -8.68 -12.61 21.01
N SER A 115 -8.05 -12.33 22.09
CA SER A 115 -6.76 -11.64 22.03
C SER A 115 -5.78 -12.13 23.05
N VAL A 116 -4.51 -12.00 22.71
CA VAL A 116 -3.47 -12.34 23.68
C VAL A 116 -2.57 -11.08 23.84
N ARG A 117 -2.30 -10.67 25.09
CA ARG A 117 -1.41 -9.53 25.34
C ARG A 117 -0.16 -10.11 25.98
N VAL A 118 1.00 -9.55 25.68
CA VAL A 118 2.25 -10.07 26.26
C VAL A 118 3.17 -8.91 26.66
N GLU A 119 4.06 -9.14 27.65
CA GLU A 119 5.06 -8.13 28.03
C GLU A 119 6.20 -8.71 27.23
N ASP A 120 6.55 -8.08 26.12
CA ASP A 120 7.55 -8.65 25.24
C ASP A 120 8.97 -8.51 25.77
N PRO A 121 9.94 -9.15 25.13
CA PRO A 121 11.31 -9.08 25.63
C PRO A 121 11.88 -7.70 25.85
N LEU A 122 11.36 -6.68 25.16
CA LEU A 122 11.91 -5.35 25.37
C LEU A 122 11.08 -4.56 26.41
N GLY A 123 10.05 -5.16 26.97
CA GLY A 123 9.27 -4.46 27.98
C GLY A 123 7.97 -3.83 27.47
N PHE A 124 7.66 -4.04 26.20
CA PHE A 124 6.47 -3.44 25.61
C PHE A 124 5.23 -4.33 25.67
N PRO A 125 4.08 -3.72 25.94
CA PRO A 125 2.83 -4.50 26.00
C PRO A 125 2.32 -4.65 24.55
N TYR A 126 2.43 -5.85 23.96
CA TYR A 126 1.97 -6.13 22.61
C TYR A 126 0.69 -6.95 22.67
N GLU A 127 -0.24 -6.65 21.78
CA GLU A 127 -1.46 -7.38 21.69
C GLU A 127 -1.56 -7.95 20.28
N PHE A 128 -2.08 -9.18 20.15
CA PHE A 128 -2.30 -9.79 18.85
C PHE A 128 -3.76 -10.28 18.86
N PHE A 129 -4.52 -9.93 17.82
CA PHE A 129 -5.93 -10.34 17.71
C PHE A 129 -6.27 -10.49 16.26
N TYR A 130 -7.36 -11.19 15.99
CA TYR A 130 -7.86 -11.36 14.65
C TYR A 130 -9.27 -10.79 14.57
N GLU A 131 -10.18 -11.26 15.42
CA GLU A 131 -11.58 -10.83 15.34
C GLU A 131 -11.84 -9.39 15.79
N THR A 132 -12.68 -8.68 15.05
CA THR A 132 -13.02 -7.33 15.45
C THR A 132 -14.38 -7.03 14.83
N GLU A 133 -15.18 -6.15 15.42
CA GLU A 133 -16.44 -5.76 14.80
C GLU A 133 -16.14 -4.80 13.64
N HIS A 134 -16.81 -5.00 12.52
CA HIS A 134 -16.66 -4.10 11.38
C HIS A 134 -17.63 -2.96 11.60
N VAL A 135 -17.24 -1.76 11.17
CA VAL A 135 -18.05 -0.57 11.28
C VAL A 135 -18.07 0.09 9.89
N GLU A 136 -18.90 1.11 9.73
CA GLU A 136 -19.05 1.76 8.45
C GLU A 136 -17.74 2.36 8.01
N ARG A 137 -17.26 1.96 6.86
CA ARG A 137 -16.02 2.53 6.33
C ARG A 137 -16.41 3.93 5.76
N LEU A 138 -15.80 5.01 6.26
CA LEU A 138 -16.16 6.37 5.84
C LEU A 138 -15.40 6.95 4.64
N THR A 139 -14.75 6.07 3.89
CA THR A 139 -13.94 6.45 2.78
C THR A 139 -14.55 7.47 1.84
N GLN A 140 -15.81 7.26 1.49
CA GLN A 140 -16.45 8.15 0.53
C GLN A 140 -17.45 9.11 1.17
N ARG A 141 -17.37 9.27 2.48
CA ARG A 141 -18.27 10.19 3.17
C ARG A 141 -17.62 11.56 3.10
N TYR A 142 -17.56 12.13 1.89
CA TYR A 142 -16.95 13.45 1.70
C TYR A 142 -17.72 14.57 2.39
N ASP A 143 -18.97 14.29 2.82
CA ASP A 143 -19.75 15.26 3.57
C ASP A 143 -19.12 15.39 4.99
N LEU A 144 -18.29 14.41 5.36
CA LEU A 144 -17.62 14.46 6.67
C LEU A 144 -16.13 14.87 6.53
N TYR A 145 -15.58 14.74 5.34
CA TYR A 145 -14.18 15.04 5.11
C TYR A 145 -13.73 16.44 5.55
N SER A 146 -12.80 16.51 6.53
CA SER A 146 -12.31 17.81 7.02
C SER A 146 -11.05 18.27 6.25
N ALA A 147 -10.68 19.55 6.37
CA ALA A 147 -9.50 20.03 5.61
C ALA A 147 -8.18 19.38 6.06
N GLY A 148 -8.16 18.78 7.25
CA GLY A 148 -6.93 18.13 7.72
C GLY A 148 -7.17 16.64 8.02
N GLU A 149 -8.10 16.02 7.29
CA GLU A 149 -8.50 14.62 7.52
C GLU A 149 -7.41 13.54 7.64
N LEU A 150 -7.47 12.75 8.72
CA LEU A 150 -6.53 11.64 8.97
C LEU A 150 -7.21 10.41 8.39
N VAL A 151 -6.57 9.78 7.40
CA VAL A 151 -7.23 8.70 6.74
C VAL A 151 -6.90 7.30 7.19
N ARG A 152 -5.73 7.08 7.78
CA ARG A 152 -5.46 5.76 8.31
C ARG A 152 -4.31 5.75 9.29
N LEU A 153 -4.29 4.70 10.10
CA LEU A 153 -3.21 4.51 11.05
C LEU A 153 -2.07 3.90 10.27
N ASP A 154 -0.85 4.45 10.42
CA ASP A 154 0.27 3.88 9.69
C ASP A 154 1.30 3.10 10.50
N HIS A 155 1.77 3.68 11.60
CA HIS A 155 2.83 2.97 12.34
C HIS A 155 3.01 3.45 13.79
N PHE A 156 3.86 2.71 14.52
CA PHE A 156 4.21 3.05 15.90
C PHE A 156 5.73 3.31 15.85
N ASN A 157 6.28 4.02 16.83
CA ASN A 157 7.72 4.17 16.91
C ASN A 157 8.06 3.96 18.44
N GLN A 158 9.01 3.05 18.69
CA GLN A 158 9.38 2.64 20.06
C GLN A 158 10.82 3.01 20.42
N VAL A 159 11.03 3.43 21.66
CA VAL A 159 12.34 3.83 22.13
C VAL A 159 12.85 2.67 22.98
N THR A 160 14.06 2.21 22.70
CA THR A 160 14.64 1.08 23.47
C THR A 160 16.15 1.31 23.54
N PRO A 161 16.79 0.90 24.68
CA PRO A 161 18.23 1.09 24.84
C PRO A 161 19.14 0.27 23.92
N ASP A 162 18.68 -0.89 23.46
CA ASP A 162 19.58 -1.71 22.64
C ASP A 162 18.88 -1.96 21.32
N VAL A 163 19.21 -1.15 20.31
CA VAL A 163 18.54 -1.35 19.04
C VAL A 163 18.88 -2.66 18.34
N PRO A 164 20.16 -3.08 18.32
CA PRO A 164 20.47 -4.35 17.64
C PRO A 164 19.67 -5.56 18.21
N ARG A 165 19.49 -5.57 19.53
CA ARG A 165 18.75 -6.65 20.16
C ARG A 165 17.30 -6.62 19.69
N GLY A 166 16.65 -5.45 19.80
CA GLY A 166 15.27 -5.32 19.37
C GLY A 166 15.09 -5.64 17.88
N ARG A 167 16.04 -5.23 17.05
CA ARG A 167 15.91 -5.51 15.60
C ARG A 167 15.96 -7.01 15.29
N ALA A 168 16.94 -7.71 15.87
CA ALA A 168 17.04 -9.14 15.60
C ALA A 168 15.76 -9.80 16.10
N TYR A 169 15.20 -9.31 17.22
CA TYR A 169 13.97 -9.88 17.77
C TYR A 169 12.74 -9.72 16.83
N LEU A 170 12.54 -8.51 16.31
CA LEU A 170 11.42 -8.27 15.38
C LEU A 170 11.59 -9.01 14.02
N GLU A 171 12.83 -9.25 13.58
CA GLU A 171 13.05 -9.95 12.30
C GLU A 171 12.64 -11.41 12.51
N ASP A 172 12.93 -11.96 13.70
CA ASP A 172 12.52 -13.34 13.97
C ASP A 172 10.99 -13.40 13.91
N LEU A 173 10.35 -12.31 14.32
CA LEU A 173 8.89 -12.20 14.30
C LEU A 173 8.39 -12.05 12.87
N GLY A 174 9.29 -11.91 11.91
CA GLY A 174 8.84 -11.80 10.52
C GLY A 174 8.79 -10.40 9.93
N PHE A 175 9.19 -9.37 10.67
CA PHE A 175 9.20 -7.99 10.13
C PHE A 175 10.43 -7.85 9.26
N ARG A 176 10.35 -7.06 8.17
CA ARG A 176 11.51 -6.87 7.33
C ARG A 176 11.96 -5.43 7.53
N VAL A 177 13.24 -5.18 7.32
CA VAL A 177 13.79 -3.86 7.49
C VAL A 177 13.79 -3.16 6.15
N SER A 178 12.89 -2.13 5.96
CA SER A 178 12.85 -1.33 4.73
C SER A 178 13.99 -0.31 4.71
N GLU A 179 14.42 0.39 5.90
CA GLU A 179 15.49 1.36 5.98
C GLU A 179 16.15 1.29 7.36
N ASP A 180 17.46 1.58 7.44
CA ASP A 180 18.08 1.59 8.77
C ASP A 180 19.17 2.66 8.78
N ILE A 181 19.72 2.95 9.96
CA ILE A 181 20.79 3.92 10.10
C ILE A 181 21.92 3.09 10.75
N LYS A 182 23.10 3.09 10.14
CA LYS A 182 24.23 2.29 10.64
C LYS A 182 25.52 3.11 10.64
N ASP A 183 26.50 2.74 11.45
CA ASP A 183 27.79 3.45 11.41
C ASP A 183 28.68 2.63 10.51
N SER A 184 29.88 3.15 10.30
CA SER A 184 30.91 2.52 9.49
C SER A 184 31.15 1.07 10.00
N ASP A 185 30.93 0.88 11.29
CA ASP A 185 31.14 -0.43 11.90
C ASP A 185 30.04 -1.43 11.64
N GLY A 186 28.92 -0.97 11.11
CA GLY A 186 27.83 -1.89 10.81
C GLY A 186 26.82 -2.03 11.93
N VAL A 187 26.97 -1.23 12.99
CA VAL A 187 26.04 -1.27 14.12
C VAL A 187 24.74 -0.52 13.76
N THR A 188 23.60 -1.10 14.09
CA THR A 188 22.32 -0.45 13.79
C THR A 188 21.97 0.57 14.88
N TYR A 189 21.78 1.83 14.51
CA TYR A 189 21.36 2.84 15.46
C TYR A 189 19.83 3.00 15.46
N ALA A 190 19.16 2.69 14.34
CA ALA A 190 17.72 2.79 14.22
C ALA A 190 17.23 1.96 13.05
N ALA A 191 16.02 1.42 13.13
CA ALA A 191 15.52 0.61 12.02
C ALA A 191 14.02 0.79 11.84
N TRP A 192 13.58 0.73 10.58
CA TRP A 192 12.20 0.87 10.19
C TRP A 192 11.76 -0.52 9.72
N MET A 193 10.74 -1.08 10.35
CA MET A 193 10.34 -2.46 10.07
C MET A 193 8.91 -2.65 9.69
N HIS A 194 8.67 -3.52 8.73
CA HIS A 194 7.29 -3.68 8.24
C HIS A 194 6.78 -5.08 7.95
N ARG A 195 5.45 -5.24 8.08
CA ARG A 195 4.79 -6.47 7.67
C ARG A 195 3.94 -6.08 6.43
N LYS A 196 3.24 -4.95 6.53
CA LYS A 196 2.41 -4.49 5.42
C LYS A 196 3.34 -3.80 4.37
N GLN A 197 2.75 -3.44 3.24
CA GLN A 197 3.51 -2.92 2.11
C GLN A 197 3.91 -1.45 2.09
N THR A 198 4.04 -0.88 3.28
CA THR A 198 4.52 0.51 3.39
C THR A 198 5.89 0.46 4.05
N VAL A 199 6.50 1.62 4.33
CA VAL A 199 7.85 1.62 4.88
C VAL A 199 7.92 0.95 6.26
N HIS A 200 6.89 1.11 7.06
CA HIS A 200 6.90 0.45 8.37
C HIS A 200 5.63 0.32 9.11
N ASP A 201 5.59 -0.68 10.01
CA ASP A 201 4.52 -0.88 10.95
C ASP A 201 5.04 -0.40 12.31
N THR A 202 6.34 -0.59 12.54
CA THR A 202 6.92 -0.08 13.78
C THR A 202 8.39 0.23 13.51
N ALA A 203 8.96 1.09 14.34
CA ALA A 203 10.35 1.50 14.18
C ALA A 203 10.99 1.49 15.57
N LEU A 204 12.32 1.35 15.58
CA LEU A 204 13.07 1.35 16.85
C LEU A 204 14.01 2.54 16.82
N THR A 205 14.00 3.34 17.89
CA THR A 205 14.83 4.55 18.09
C THR A 205 15.67 4.26 19.36
N GLY A 206 16.96 4.54 19.36
CA GLY A 206 17.75 4.23 20.56
C GLY A 206 17.53 5.28 21.62
N GLY A 207 17.40 4.87 22.89
CA GLY A 207 17.19 5.84 23.96
C GLY A 207 16.78 5.13 25.23
N ASN A 208 16.37 5.89 26.25
CA ASN A 208 15.93 5.32 27.50
C ASN A 208 14.57 4.73 27.25
N GLY A 209 14.40 3.45 27.55
CA GLY A 209 13.10 2.84 27.31
C GLY A 209 12.94 1.66 28.24
N PRO A 210 11.92 0.84 28.05
CA PRO A 210 10.94 1.02 26.96
C PRO A 210 10.00 2.23 27.10
N ARG A 211 9.87 2.98 26.00
CA ARG A 211 8.95 4.10 25.94
C ARG A 211 8.32 4.17 24.53
N MET A 212 7.13 4.77 24.45
CA MET A 212 6.45 4.96 23.16
C MET A 212 6.90 6.32 22.63
N HIS A 213 7.50 6.33 21.45
CA HIS A 213 7.97 7.62 20.90
C HIS A 213 6.84 8.33 20.20
N HIS A 214 6.11 7.62 19.34
CA HIS A 214 4.95 8.19 18.71
C HIS A 214 4.10 7.15 17.98
N VAL A 215 2.86 7.55 17.70
CA VAL A 215 1.94 6.76 16.89
C VAL A 215 1.68 7.69 15.68
N ALA A 216 1.58 7.13 14.47
CA ALA A 216 1.45 7.96 13.25
C ALA A 216 0.21 7.68 12.42
N PHE A 217 -0.39 8.77 11.92
CA PHE A 217 -1.58 8.68 11.07
C PHE A 217 -1.22 9.31 9.72
N ALA A 218 -1.84 8.85 8.64
CA ALA A 218 -1.56 9.38 7.30
C ALA A 218 -2.68 10.30 6.79
N THR A 219 -2.34 11.28 5.92
CA THR A 219 -3.37 12.07 5.27
C THR A 219 -3.23 11.71 3.78
N HIS A 220 -4.16 12.19 2.97
CA HIS A 220 -4.04 11.93 1.56
C HIS A 220 -2.98 12.81 0.89
N GLU A 221 -2.95 14.09 1.22
CA GLU A 221 -2.02 14.98 0.55
C GLU A 221 -1.27 15.90 1.46
N LYS A 222 -0.23 16.55 0.94
CA LYS A 222 0.57 17.44 1.77
C LYS A 222 -0.21 18.64 2.36
N HIS A 223 -1.13 19.22 1.60
CA HIS A 223 -1.91 20.37 2.15
C HIS A 223 -2.75 20.01 3.36
N ASN A 224 -3.15 18.74 3.51
CA ASN A 224 -3.89 18.37 4.73
C ASN A 224 -3.03 18.53 5.98
N ILE A 225 -1.72 18.27 5.87
CA ILE A 225 -0.85 18.42 7.03
C ILE A 225 -0.66 19.90 7.34
N ILE A 226 -0.50 20.70 6.29
CA ILE A 226 -0.35 22.14 6.50
C ILE A 226 -1.57 22.73 7.20
N GLN A 227 -2.78 22.27 6.84
CA GLN A 227 -4.02 22.76 7.46
C GLN A 227 -4.06 22.47 8.99
N ILE A 228 -3.55 21.32 9.41
CA ILE A 228 -3.51 20.99 10.84
C ILE A 228 -2.71 22.07 11.57
N CYS A 229 -1.52 22.40 11.04
CA CYS A 229 -0.74 23.47 11.64
C CYS A 229 -1.50 24.81 11.69
N ASP A 230 -2.11 25.16 10.56
CA ASP A 230 -2.84 26.42 10.47
C ASP A 230 -3.96 26.49 11.51
N LYS A 231 -4.68 25.39 11.64
CA LYS A 231 -5.78 25.32 12.61
C LYS A 231 -5.23 25.44 14.06
N MET A 232 -4.10 24.83 14.34
CA MET A 232 -3.56 24.95 15.69
C MET A 232 -3.11 26.38 15.94
N GLY A 233 -2.63 27.09 14.93
CA GLY A 233 -2.24 28.47 15.17
C GLY A 233 -3.51 29.29 15.43
N ALA A 234 -4.58 28.99 14.73
CA ALA A 234 -5.82 29.75 14.93
C ALA A 234 -6.38 29.48 16.33
N LEU A 235 -6.20 28.26 16.83
CA LEU A 235 -6.69 27.90 18.18
C LEU A 235 -5.69 28.30 19.27
N ARG A 236 -4.59 28.91 18.88
CA ARG A 236 -3.60 29.33 19.83
C ARG A 236 -2.91 28.21 20.56
N ILE A 237 -2.78 27.06 19.91
CA ILE A 237 -2.08 25.95 20.54
C ILE A 237 -0.87 25.52 19.74
N SER A 238 -0.27 26.49 19.04
CA SER A 238 0.88 26.25 18.20
C SER A 238 2.07 25.81 19.04
N ASP A 239 2.03 26.09 20.35
CA ASP A 239 3.10 25.65 21.21
C ASP A 239 3.10 24.10 21.28
N ARG A 240 2.01 23.43 20.86
CA ARG A 240 1.94 21.97 20.83
C ARG A 240 2.49 21.36 19.51
N ILE A 241 3.00 22.19 18.58
CA ILE A 241 3.59 21.66 17.34
C ILE A 241 5.03 21.53 17.75
N GLU A 242 5.54 20.31 17.74
CA GLU A 242 6.90 20.09 18.23
C GLU A 242 7.99 20.10 17.17
N ARG A 243 7.73 19.48 16.02
CA ARG A 243 8.74 19.38 14.99
C ARG A 243 8.06 19.29 13.64
N GLY A 244 8.59 20.03 12.65
CA GLY A 244 8.01 19.98 11.32
C GLY A 244 7.08 21.18 11.09
N PRO A 245 6.36 21.23 9.95
CA PRO A 245 6.41 20.19 8.93
C PRO A 245 7.72 20.13 8.16
N GLY A 246 8.05 18.93 7.68
CA GLY A 246 9.28 18.72 6.93
C GLY A 246 9.21 17.48 6.07
N ARG A 247 10.31 17.17 5.40
CA ARG A 247 10.45 15.99 4.55
C ARG A 247 11.49 15.08 5.24
N HIS A 248 11.09 13.82 5.51
CA HIS A 248 12.02 12.85 6.13
C HIS A 248 13.02 12.35 5.03
N GLY A 249 14.27 12.11 5.40
CA GLY A 249 15.20 11.50 4.48
C GLY A 249 14.73 10.03 4.49
N VAL A 250 14.95 9.34 5.64
CA VAL A 250 14.47 7.95 5.82
C VAL A 250 12.92 7.97 5.63
N SER A 251 12.41 7.06 4.80
CA SER A 251 10.99 6.90 4.48
C SER A 251 10.49 7.83 3.39
N ASN A 252 11.12 9.02 3.25
CA ASN A 252 10.72 10.01 2.24
C ASN A 252 9.36 10.67 2.49
N ALA A 253 8.79 10.48 3.66
CA ALA A 253 7.44 11.02 3.91
C ALA A 253 7.41 12.47 4.35
N PHE A 254 6.34 13.19 4.01
CA PHE A 254 6.18 14.55 4.42
C PHE A 254 5.58 14.39 5.85
N TYR A 255 6.09 15.12 6.85
CA TYR A 255 5.69 14.87 8.23
C TYR A 255 5.45 16.03 9.15
N LEU A 256 4.80 15.72 10.26
CA LEU A 256 4.50 16.70 11.30
C LEU A 256 4.36 15.97 12.63
N TYR A 257 4.98 16.51 13.68
CA TYR A 257 4.85 15.93 15.03
C TYR A 257 4.19 16.93 15.96
N ILE A 258 3.11 16.53 16.62
CA ILE A 258 2.43 17.38 17.58
C ILE A 258 2.24 16.61 18.89
N LEU A 259 1.96 17.36 19.96
CA LEU A 259 1.79 16.77 21.30
C LEU A 259 0.33 16.84 21.82
N ASP A 260 -0.19 15.74 22.39
CA ASP A 260 -1.54 15.78 22.94
C ASP A 260 -1.48 16.41 24.35
N PRO A 261 -2.64 16.63 24.97
CA PRO A 261 -2.62 17.25 26.30
C PRO A 261 -1.73 16.57 27.36
N ASP A 262 -1.47 15.28 27.25
CA ASP A 262 -0.63 14.66 28.26
C ASP A 262 0.79 14.58 27.76
N GLY A 263 1.09 15.16 26.61
CA GLY A 263 2.47 15.07 26.14
C GLY A 263 2.72 13.85 25.24
N HIS A 264 1.71 13.03 24.95
CA HIS A 264 1.96 11.88 24.04
C HIS A 264 2.17 12.48 22.63
N ARG A 265 3.15 11.95 21.90
CA ARG A 265 3.50 12.46 20.57
C ARG A 265 2.75 11.77 19.44
N ILE A 266 2.17 12.57 18.53
CA ILE A 266 1.41 12.07 17.40
C ILE A 266 2.12 12.54 16.10
N GLU A 267 2.33 11.66 15.13
CA GLU A 267 2.91 12.10 13.86
C GLU A 267 1.80 12.09 12.81
N ILE A 268 1.81 13.06 11.90
CA ILE A 268 0.85 13.09 10.80
C ILE A 268 1.85 12.96 9.68
N TYR A 269 1.55 12.03 8.78
CA TYR A 269 2.51 11.57 7.76
C TYR A 269 1.85 11.39 6.41
N THR A 270 2.57 11.62 5.32
CA THR A 270 2.00 11.28 4.03
C THR A 270 3.05 11.01 2.98
N GLN A 271 2.71 10.07 2.13
CA GLN A 271 3.44 9.69 0.98
C GLN A 271 4.74 8.93 0.96
N ASP A 272 4.80 7.80 1.67
CA ASP A 272 6.02 7.00 1.53
C ASP A 272 5.83 6.06 0.25
N TYR A 273 6.57 4.97 0.17
CA TYR A 273 6.55 4.16 -1.04
C TYR A 273 6.30 2.68 -0.80
N TYR A 274 6.15 1.93 -1.90
CA TYR A 274 5.86 0.48 -1.85
C TYR A 274 7.07 -0.43 -1.48
N THR A 275 6.88 -1.33 -0.49
CA THR A 275 7.97 -2.18 -0.02
C THR A 275 7.55 -3.67 -0.13
N GLY A 276 6.44 -3.92 -0.78
CA GLY A 276 5.91 -5.28 -0.82
C GLY A 276 6.69 -6.38 -1.48
N ASP A 277 7.76 -6.11 -2.36
CA ASP A 277 8.43 -7.15 -3.10
C ASP A 277 9.37 -7.92 -2.17
N PRO A 278 9.42 -9.18 -2.57
CA PRO A 278 10.25 -10.04 -1.73
C PRO A 278 11.72 -9.63 -1.58
N ASP A 279 12.29 -8.89 -2.54
CA ASP A 279 13.68 -8.49 -2.43
C ASP A 279 13.81 -6.94 -2.35
N ASN A 280 12.76 -6.31 -1.86
CA ASN A 280 12.74 -4.86 -1.68
C ASN A 280 14.09 -4.48 -1.06
N PRO A 281 14.84 -3.60 -1.70
CA PRO A 281 16.15 -3.17 -1.22
C PRO A 281 16.14 -2.37 0.07
N THR A 282 16.89 -2.79 1.06
CA THR A 282 16.97 -2.02 2.28
C THR A 282 17.81 -0.78 1.99
N ILE A 283 17.38 0.37 2.49
CA ILE A 283 18.18 1.56 2.28
C ILE A 283 18.95 1.81 3.58
N THR A 284 20.29 1.87 3.51
CA THR A 284 21.09 2.12 4.71
C THR A 284 21.63 3.55 4.66
N TRP A 285 21.41 4.30 5.73
CA TRP A 285 21.89 5.65 5.84
C TRP A 285 23.03 5.71 6.86
N ASP A 286 24.01 6.57 6.61
CA ASP A 286 25.11 6.67 7.56
C ASP A 286 24.71 7.61 8.66
N VAL A 287 25.18 7.36 9.90
CA VAL A 287 24.87 8.18 11.06
C VAL A 287 25.27 9.62 10.86
N HIS A 288 26.27 9.88 10.04
CA HIS A 288 26.69 11.29 9.84
C HIS A 288 26.04 11.98 8.64
N ASP A 289 25.09 11.32 8.00
CA ASP A 289 24.42 11.95 6.87
C ASP A 289 23.37 12.85 7.49
N ASN A 290 23.54 14.16 7.34
CA ASN A 290 22.62 15.16 7.90
C ASN A 290 21.25 15.26 7.23
N GLN A 291 21.05 14.53 6.13
CA GLN A 291 19.74 14.55 5.49
C GLN A 291 18.97 13.26 5.84
N ARG A 292 19.52 12.44 6.73
CA ARG A 292 18.78 11.21 7.03
C ARG A 292 17.52 11.44 7.83
N ARG A 293 17.47 12.49 8.64
CA ARG A 293 16.27 12.68 9.44
C ARG A 293 15.36 13.64 8.68
N ASP A 294 15.89 14.85 8.51
CA ASP A 294 15.19 15.88 7.79
C ASP A 294 15.98 16.18 6.48
N TRP A 295 15.33 15.84 5.37
CA TRP A 295 15.85 16.01 4.04
C TRP A 295 16.23 17.48 3.76
N TRP A 296 15.54 18.43 4.41
CA TRP A 296 15.86 19.84 4.18
C TRP A 296 16.92 20.40 5.14
N GLY A 297 17.61 19.51 5.85
CA GLY A 297 18.63 19.94 6.78
C GLY A 297 18.13 20.72 8.00
N ASN A 298 16.85 20.59 8.35
CA ASN A 298 16.38 21.33 9.51
C ASN A 298 16.91 20.78 10.80
N PRO A 299 17.02 21.66 11.80
CA PRO A 299 17.54 21.27 13.13
C PRO A 299 16.53 20.35 13.81
N VAL A 300 16.98 19.26 14.45
CA VAL A 300 15.99 18.45 15.20
C VAL A 300 15.78 19.21 16.55
N VAL A 301 14.77 18.82 17.29
CA VAL A 301 14.43 19.47 18.56
C VAL A 301 14.90 18.52 19.62
N PRO A 302 15.70 19.00 20.58
CA PRO A 302 16.18 18.10 21.64
C PRO A 302 15.07 17.30 22.29
N SER A 303 13.91 17.93 22.50
CA SER A 303 12.79 17.22 23.12
C SER A 303 12.39 15.95 22.33
N TRP A 304 12.63 15.95 21.03
CA TRP A 304 12.26 14.85 20.16
C TRP A 304 13.10 13.60 20.49
N TYR A 305 14.33 13.80 20.98
CA TYR A 305 15.18 12.66 21.35
C TYR A 305 15.04 12.28 22.84
N THR A 306 14.71 13.24 23.68
CA THR A 306 14.58 12.97 25.10
C THR A 306 13.17 12.63 25.64
N GLU A 307 12.09 13.22 25.12
CA GLU A 307 10.74 12.94 25.65
C GLU A 307 9.98 11.83 24.88
N ALA A 308 9.34 10.93 25.63
CA ALA A 308 8.59 9.78 25.09
C ALA A 308 7.68 9.29 26.24
N SER A 309 6.64 8.55 25.90
CA SER A 309 5.65 8.10 26.87
C SER A 309 6.00 6.79 27.56
N LEU A 310 5.62 6.68 28.83
CA LEU A 310 5.81 5.47 29.59
C LEU A 310 4.87 4.42 29.01
N VAL A 311 5.22 3.14 29.17
CA VAL A 311 4.34 2.08 28.73
C VAL A 311 4.02 1.25 30.00
N LEU A 312 2.86 0.59 30.00
CA LEU A 312 2.39 -0.21 31.14
C LEU A 312 2.62 -1.70 31.06
N ASP A 313 2.76 -2.35 32.22
CA ASP A 313 2.93 -3.79 32.17
C ASP A 313 1.52 -4.35 32.12
N LEU A 314 1.38 -5.68 32.18
CA LEU A 314 0.05 -6.28 32.13
C LEU A 314 -0.85 -6.06 33.36
N ASP A 315 -0.29 -5.56 34.45
CA ASP A 315 -1.09 -5.29 35.65
C ASP A 315 -1.47 -3.83 35.63
N GLY A 316 -1.07 -3.09 34.60
CA GLY A 316 -1.44 -1.69 34.59
C GLY A 316 -0.47 -0.71 35.28
N ASN A 317 0.72 -1.18 35.64
CA ASN A 317 1.71 -0.30 36.27
C ASN A 317 2.79 0.08 35.27
N PRO A 318 3.35 1.28 35.40
CA PRO A 318 4.39 1.65 34.44
C PRO A 318 5.64 0.79 34.53
N GLN A 319 6.19 0.46 33.37
CA GLN A 319 7.46 -0.31 33.26
C GLN A 319 8.54 0.68 33.60
N PRO A 320 9.50 0.28 34.44
CA PRO A 320 10.59 1.18 34.82
C PRO A 320 11.43 1.44 33.56
N VAL A 321 11.93 2.66 33.43
CA VAL A 321 12.73 3.08 32.31
C VAL A 321 14.22 2.89 32.58
N ILE A 322 14.85 2.11 31.72
CA ILE A 322 16.29 1.89 31.80
C ILE A 322 16.96 3.10 31.13
N VAL A 323 17.83 3.76 31.88
CA VAL A 323 18.55 4.92 31.42
C VAL A 323 19.93 4.66 30.78
N PHE B 4 -17.27 -22.90 -16.25
CA PHE B 4 -16.11 -22.47 -15.50
C PHE B 4 -14.83 -23.21 -15.81
N VAL B 5 -13.74 -22.48 -15.66
CA VAL B 5 -12.42 -23.03 -15.86
C VAL B 5 -12.23 -23.96 -14.67
N PRO B 6 -11.71 -25.17 -14.92
CA PRO B 6 -11.48 -26.15 -13.85
C PRO B 6 -10.46 -25.57 -12.83
N THR B 7 -10.60 -25.97 -11.59
CA THR B 7 -9.66 -25.58 -10.52
C THR B 7 -8.57 -26.67 -10.48
N PRO B 8 -7.31 -26.37 -10.88
CA PRO B 8 -6.25 -27.39 -10.86
C PRO B 8 -5.99 -28.07 -9.51
N SER B 9 -5.33 -29.22 -9.57
CA SER B 9 -5.02 -29.91 -8.33
C SER B 9 -3.71 -29.33 -7.77
N VAL B 10 -2.86 -28.74 -8.63
CA VAL B 10 -1.62 -28.15 -8.12
C VAL B 10 -1.89 -26.75 -7.59
N PRO B 11 -1.14 -26.31 -6.58
CA PRO B 11 -1.40 -24.98 -6.05
C PRO B 11 -1.09 -23.87 -7.03
N ALA B 12 -1.81 -22.76 -6.87
CA ALA B 12 -1.62 -21.60 -7.71
C ALA B 12 -0.25 -20.96 -7.43
N PRO B 13 0.37 -20.34 -8.44
CA PRO B 13 1.66 -19.71 -8.10
C PRO B 13 1.33 -18.53 -7.13
N ASP B 14 2.28 -18.18 -6.25
CA ASP B 14 2.09 -17.07 -5.30
C ASP B 14 2.49 -15.75 -6.01
N ILE B 15 1.49 -14.98 -6.44
CA ILE B 15 1.70 -13.76 -7.18
C ILE B 15 1.82 -12.56 -6.24
N VAL B 16 2.86 -11.80 -6.46
CA VAL B 16 3.02 -10.63 -5.60
C VAL B 16 2.25 -9.42 -6.16
N ARG B 17 2.34 -9.05 -7.42
CA ARG B 17 1.73 -7.85 -7.98
C ARG B 17 1.88 -7.78 -9.48
N CYS B 18 1.15 -6.88 -10.14
CA CYS B 18 1.35 -6.68 -11.58
C CYS B 18 2.70 -5.94 -11.64
N ALA B 19 3.51 -6.24 -12.67
CA ALA B 19 4.86 -5.68 -12.74
C ALA B 19 5.17 -4.89 -14.00
N TYR B 20 4.77 -5.40 -15.14
CA TYR B 20 5.01 -4.67 -16.39
C TYR B 20 4.15 -5.16 -17.50
N MET B 21 4.09 -4.37 -18.56
CA MET B 21 3.33 -4.74 -19.74
C MET B 21 4.23 -4.51 -20.96
N GLU B 22 4.19 -5.43 -21.92
CA GLU B 22 4.98 -5.29 -23.13
C GLU B 22 4.01 -4.92 -24.18
N ILE B 23 4.15 -3.73 -24.79
CA ILE B 23 3.22 -3.33 -25.83
C ILE B 23 3.91 -3.15 -27.19
N VAL B 24 3.21 -3.49 -28.26
CA VAL B 24 3.78 -3.35 -29.60
C VAL B 24 3.22 -2.06 -30.16
N VAL B 25 4.10 -1.19 -30.67
CA VAL B 25 3.71 0.11 -31.25
C VAL B 25 4.15 0.14 -32.74
N THR B 26 3.50 0.96 -33.56
CA THR B 26 3.85 0.98 -34.99
C THR B 26 4.96 1.92 -35.42
N ASP B 27 5.19 2.98 -34.65
CA ASP B 27 6.25 3.94 -34.91
C ASP B 27 6.93 4.23 -33.55
N LEU B 28 8.09 3.60 -33.32
CA LEU B 28 8.79 3.75 -32.06
C LEU B 28 9.16 5.19 -31.67
N ALA B 29 9.60 6.00 -32.65
CA ALA B 29 9.97 7.38 -32.37
C ALA B 29 8.79 8.21 -31.93
N LYS B 30 7.67 8.00 -32.57
CA LYS B 30 6.46 8.73 -32.22
C LYS B 30 6.01 8.27 -30.81
N SER B 31 6.11 6.97 -30.53
CA SER B 31 5.70 6.50 -29.20
C SER B 31 6.66 7.00 -28.13
N ARG B 32 7.96 7.01 -28.40
CA ARG B 32 8.90 7.49 -27.41
C ARG B 32 8.59 8.92 -27.02
N GLU B 33 8.25 9.72 -28.02
CA GLU B 33 7.93 11.12 -27.76
C GLU B 33 6.76 11.24 -26.77
N PHE B 34 5.75 10.41 -26.92
CA PHE B 34 4.60 10.46 -26.01
C PHE B 34 4.96 9.94 -24.61
N TYR B 35 5.57 8.74 -24.53
CA TYR B 35 5.87 8.19 -23.22
C TYR B 35 7.01 8.86 -22.45
N VAL B 36 8.02 9.35 -23.17
CA VAL B 36 9.11 9.98 -22.49
C VAL B 36 8.98 11.50 -22.48
N ASP B 37 8.85 12.12 -23.64
CA ASP B 37 8.77 13.57 -23.66
C ASP B 37 7.49 14.15 -23.10
N VAL B 38 6.37 13.49 -23.32
CA VAL B 38 5.14 14.05 -22.78
C VAL B 38 4.89 13.53 -21.34
N LEU B 39 4.78 12.22 -21.16
CA LEU B 39 4.49 11.66 -19.83
C LEU B 39 5.66 11.61 -18.85
N GLY B 40 6.88 11.75 -19.34
CA GLY B 40 8.00 11.75 -18.41
C GLY B 40 8.45 10.44 -17.79
N LEU B 41 8.12 9.30 -18.40
CA LEU B 41 8.63 8.04 -17.85
C LEU B 41 10.18 8.00 -18.06
N HIS B 42 10.85 7.28 -17.18
CA HIS B 42 12.29 7.17 -17.21
C HIS B 42 12.75 5.98 -18.03
N VAL B 43 13.71 6.25 -18.91
CA VAL B 43 14.27 5.22 -19.76
C VAL B 43 15.33 4.42 -19.00
N THR B 44 15.07 3.13 -18.82
CA THR B 44 16.03 2.25 -18.18
C THR B 44 17.12 1.94 -19.22
N GLU B 45 16.71 1.62 -20.43
CA GLU B 45 17.63 1.37 -21.54
C GLU B 45 16.82 1.27 -22.82
N GLU B 46 17.50 1.39 -23.95
CA GLU B 46 16.79 1.29 -25.23
C GLU B 46 17.74 0.95 -26.39
N ASP B 47 17.17 0.47 -27.50
CA ASP B 47 17.94 0.20 -28.71
C ASP B 47 17.02 0.61 -29.83
N GLU B 48 17.45 0.33 -31.06
CA GLU B 48 16.69 0.70 -32.25
C GLU B 48 15.27 0.15 -32.33
N ASN B 49 15.01 -0.98 -31.69
CA ASN B 49 13.65 -1.55 -31.74
C ASN B 49 12.85 -1.67 -30.46
N THR B 50 13.45 -1.33 -29.34
CA THR B 50 12.78 -1.51 -28.08
C THR B 50 13.18 -0.44 -27.11
N ILE B 51 12.21 -0.01 -26.29
CA ILE B 51 12.46 0.99 -25.24
C ILE B 51 11.99 0.38 -23.90
N TYR B 52 12.81 0.48 -22.86
CA TYR B 52 12.43 -0.04 -21.55
C TYR B 52 12.21 1.15 -20.63
N LEU B 53 10.97 1.27 -20.14
CA LEU B 53 10.61 2.40 -19.28
C LEU B 53 10.24 1.98 -17.87
N ARG B 54 10.46 2.87 -16.92
CA ARG B 54 10.06 2.61 -15.54
C ARG B 54 9.55 3.88 -14.88
N SER B 55 8.74 3.70 -13.83
CA SER B 55 8.20 4.86 -13.08
C SER B 55 9.18 5.31 -12.00
N LEU B 56 8.96 6.50 -11.41
CA LEU B 56 9.88 7.09 -10.45
C LEU B 56 10.30 6.20 -9.27
N GLU B 57 9.34 5.53 -8.64
CA GLU B 57 9.68 4.73 -7.48
C GLU B 57 9.94 3.24 -7.70
N GLU B 58 10.09 2.84 -8.96
CA GLU B 58 10.32 1.43 -9.30
C GLU B 58 11.82 1.07 -9.15
N PHE B 59 12.12 -0.16 -8.71
CA PHE B 59 13.50 -0.61 -8.59
C PHE B 59 13.73 -1.79 -9.53
N ILE B 60 12.66 -2.43 -10.02
CA ILE B 60 12.87 -3.53 -11.00
C ILE B 60 13.19 -2.87 -12.34
N HIS B 61 13.70 -3.66 -13.26
CA HIS B 61 14.19 -3.12 -14.53
C HIS B 61 13.23 -2.23 -15.37
N HIS B 62 11.95 -2.57 -15.45
CA HIS B 62 11.00 -1.76 -16.24
C HIS B 62 9.57 -2.09 -15.85
N ASN B 63 8.67 -1.13 -16.14
CA ASN B 63 7.23 -1.28 -15.94
C ASN B 63 6.56 -1.35 -17.30
N LEU B 64 7.26 -0.89 -18.34
CA LEU B 64 6.76 -0.90 -19.70
C LEU B 64 7.82 -1.22 -20.70
N VAL B 65 7.49 -2.05 -21.69
CA VAL B 65 8.41 -2.33 -22.77
C VAL B 65 7.66 -1.90 -24.02
N LEU B 66 8.25 -1.02 -24.81
CA LEU B 66 7.67 -0.59 -26.09
C LEU B 66 8.50 -1.29 -27.19
N ARG B 67 7.81 -2.04 -28.03
CA ARG B 67 8.47 -2.81 -29.06
C ARG B 67 7.86 -2.45 -30.43
N GLN B 68 8.70 -2.12 -31.40
CA GLN B 68 8.24 -1.79 -32.77
C GLN B 68 7.62 -3.03 -33.42
N GLY B 69 6.45 -2.89 -34.03
CA GLY B 69 5.80 -4.03 -34.66
C GLY B 69 4.83 -3.60 -35.79
N PRO B 70 4.34 -4.54 -36.61
CA PRO B 70 3.42 -4.16 -37.70
C PRO B 70 2.01 -3.92 -37.23
N ILE B 71 1.60 -4.56 -36.13
CA ILE B 71 0.24 -4.37 -35.62
C ILE B 71 0.31 -3.95 -34.16
N ALA B 72 -0.28 -2.80 -33.84
CA ALA B 72 -0.31 -2.32 -32.47
C ALA B 72 -1.13 -3.33 -31.64
N ALA B 73 -0.55 -3.81 -30.54
CA ALA B 73 -1.23 -4.79 -29.70
C ALA B 73 -0.44 -4.96 -28.37
N VAL B 74 -0.98 -5.76 -27.46
CA VAL B 74 -0.31 -6.01 -26.19
C VAL B 74 0.25 -7.41 -26.29
N ALA B 75 1.57 -7.55 -26.09
CA ALA B 75 2.25 -8.85 -26.17
C ALA B 75 2.25 -9.62 -24.85
N ALA B 76 2.23 -8.92 -23.71
CA ALA B 76 2.25 -9.63 -22.42
C ALA B 76 1.79 -8.81 -21.22
N PHE B 77 1.12 -9.46 -20.28
CA PHE B 77 0.73 -8.80 -19.00
C PHE B 77 1.67 -9.57 -18.05
N ALA B 78 2.64 -8.90 -17.42
CA ALA B 78 3.55 -9.64 -16.57
C ALA B 78 3.34 -9.43 -15.07
N TYR B 79 3.34 -10.52 -14.31
CA TYR B 79 3.17 -10.50 -12.86
C TYR B 79 4.46 -11.01 -12.19
N ARG B 80 4.86 -10.40 -11.09
CA ARG B 80 6.03 -10.91 -10.39
C ARG B 80 5.54 -11.92 -9.33
N VAL B 81 6.26 -13.05 -9.22
CA VAL B 81 5.88 -14.08 -8.25
C VAL B 81 6.84 -14.02 -7.07
N LYS B 82 6.44 -14.67 -5.98
CA LYS B 82 7.21 -14.54 -4.76
C LYS B 82 8.62 -15.11 -4.65
N SER B 83 8.93 -16.13 -5.45
CA SER B 83 10.25 -16.71 -5.37
C SER B 83 10.47 -17.52 -6.65
N PRO B 84 11.70 -17.92 -6.91
CA PRO B 84 12.00 -18.70 -8.12
C PRO B 84 11.16 -19.95 -8.20
N ALA B 85 10.85 -20.58 -7.09
CA ALA B 85 10.05 -21.79 -7.19
C ALA B 85 8.62 -21.52 -7.69
N GLU B 86 8.12 -20.29 -7.56
CA GLU B 86 6.75 -20.00 -8.03
C GLU B 86 6.70 -19.96 -9.53
N VAL B 87 7.85 -19.78 -10.18
CA VAL B 87 7.81 -19.80 -11.65
C VAL B 87 7.45 -21.25 -12.03
N ASP B 88 8.09 -22.22 -11.38
CA ASP B 88 7.74 -23.62 -11.65
C ASP B 88 6.28 -23.91 -11.37
N ALA B 89 5.78 -23.41 -10.26
CA ALA B 89 4.38 -23.62 -9.90
C ALA B 89 3.41 -23.05 -10.95
N ALA B 90 3.76 -21.88 -11.50
CA ALA B 90 2.95 -21.22 -12.53
C ALA B 90 2.90 -22.13 -13.78
N GLU B 91 4.05 -22.60 -14.24
CA GLU B 91 4.08 -23.47 -15.41
C GLU B 91 3.23 -24.75 -15.22
N ALA B 92 3.41 -25.38 -14.06
CA ALA B 92 2.67 -26.62 -13.75
C ALA B 92 1.15 -26.38 -13.71
N TYR B 93 0.74 -25.27 -13.07
CA TYR B 93 -0.66 -24.90 -12.95
C TYR B 93 -1.32 -24.73 -14.32
N TYR B 94 -0.71 -23.96 -15.22
CA TYR B 94 -1.32 -23.77 -16.53
C TYR B 94 -1.26 -25.05 -17.41
N LYS B 95 -0.23 -25.86 -17.21
CA LYS B 95 -0.15 -27.08 -18.00
C LYS B 95 -1.31 -27.96 -17.58
N GLU B 96 -1.61 -28.00 -16.30
CA GLU B 96 -2.72 -28.84 -15.87
C GLU B 96 -4.02 -28.33 -16.48
N LEU B 97 -4.12 -27.02 -16.74
CA LEU B 97 -5.32 -26.47 -17.32
C LEU B 97 -5.35 -26.72 -18.82
N GLY B 98 -4.27 -27.28 -19.37
CA GLY B 98 -4.25 -27.51 -20.80
C GLY B 98 -3.87 -26.29 -21.63
N CYS B 99 -3.28 -25.27 -21.02
CA CYS B 99 -2.90 -24.07 -21.76
C CYS B 99 -1.55 -24.20 -22.38
N ARG B 100 -1.37 -23.53 -23.50
CA ARG B 100 -0.08 -23.49 -24.12
C ARG B 100 0.82 -22.65 -23.23
N THR B 101 2.06 -23.12 -23.03
CA THR B 101 3.05 -22.45 -22.18
C THR B 101 4.45 -22.44 -22.80
N GLU B 102 5.25 -21.45 -22.45
CA GLU B 102 6.57 -21.37 -22.97
C GLU B 102 7.45 -20.80 -21.90
N ARG B 103 8.51 -21.55 -21.58
CA ARG B 103 9.46 -21.14 -20.57
C ARG B 103 10.82 -20.77 -21.13
N ARG B 104 11.34 -19.64 -20.72
CA ARG B 104 12.67 -19.23 -21.18
C ARG B 104 13.46 -18.85 -19.95
N LYS B 105 14.48 -19.66 -19.67
CA LYS B 105 15.37 -19.46 -18.54
C LYS B 105 16.04 -18.13 -18.63
N GLU B 106 16.23 -17.63 -19.83
CA GLU B 106 16.89 -16.34 -20.00
C GLU B 106 15.95 -15.16 -20.08
N GLY B 107 14.65 -15.41 -19.99
CA GLY B 107 13.64 -14.35 -20.04
C GLY B 107 13.20 -13.99 -21.45
N PHE B 108 12.07 -13.28 -21.57
CA PHE B 108 11.55 -12.87 -22.85
C PHE B 108 11.90 -11.39 -23.13
N THR B 109 12.15 -10.63 -22.07
CA THR B 109 12.50 -9.22 -22.25
C THR B 109 13.77 -8.95 -21.46
N LYS B 110 14.59 -8.02 -21.94
CA LYS B 110 15.84 -7.68 -21.29
C LYS B 110 15.61 -7.25 -19.79
N GLY B 111 16.52 -7.70 -18.91
CA GLY B 111 16.43 -7.38 -17.51
C GLY B 111 15.57 -8.34 -16.70
N ILE B 112 14.91 -9.29 -17.35
CA ILE B 112 14.06 -10.25 -16.66
C ILE B 112 14.71 -11.64 -16.81
N GLY B 113 14.66 -12.43 -15.73
CA GLY B 113 15.25 -13.76 -15.73
C GLY B 113 14.26 -14.85 -16.09
N ASP B 114 14.40 -15.91 -15.62
CA ASP B 114 13.60 -17.11 -15.82
C ASP B 114 12.11 -16.75 -15.78
N SER B 115 11.39 -17.05 -16.76
CA SER B 115 9.99 -16.70 -16.88
C SER B 115 9.21 -17.70 -17.65
N VAL B 116 7.91 -17.75 -17.36
CA VAL B 116 7.04 -18.59 -18.18
C VAL B 116 5.90 -17.68 -18.72
N ARG B 117 5.57 -17.83 -20.00
CA ARG B 117 4.47 -17.09 -20.59
C ARG B 117 3.42 -18.13 -20.94
N VAL B 118 2.15 -17.75 -20.86
CA VAL B 118 1.09 -18.68 -21.18
C VAL B 118 -0.05 -17.94 -21.92
N GLU B 119 -0.84 -18.67 -22.71
CA GLU B 119 -2.03 -18.16 -23.38
C GLU B 119 -3.04 -18.68 -22.36
N ASP B 120 -3.54 -17.81 -21.50
CA ASP B 120 -4.43 -18.25 -20.45
C ASP B 120 -5.82 -18.64 -20.95
N PRO B 121 -6.66 -19.21 -20.09
CA PRO B 121 -8.00 -19.64 -20.52
C PRO B 121 -8.89 -18.60 -21.15
N LEU B 122 -8.60 -17.31 -20.91
CA LEU B 122 -9.42 -16.27 -21.53
C LEU B 122 -8.75 -15.72 -22.79
N GLY B 123 -7.61 -16.28 -23.20
CA GLY B 123 -6.93 -15.79 -24.39
C GLY B 123 -5.87 -14.72 -24.15
N PHE B 124 -5.59 -14.38 -22.88
CA PHE B 124 -4.57 -13.35 -22.62
C PHE B 124 -3.15 -13.90 -22.45
N PRO B 125 -2.14 -13.19 -22.98
CA PRO B 125 -0.75 -13.63 -22.84
C PRO B 125 -0.25 -13.15 -21.44
N TYR B 126 -0.13 -14.08 -20.49
CA TYR B 126 0.30 -13.78 -19.12
C TYR B 126 1.72 -14.24 -18.93
N GLU B 127 2.52 -13.47 -18.21
CA GLU B 127 3.89 -13.85 -17.89
C GLU B 127 4.06 -13.86 -16.37
N PHE B 128 4.83 -14.82 -15.85
CA PHE B 128 5.14 -14.90 -14.42
C PHE B 128 6.64 -14.98 -14.35
N PHE B 129 7.26 -14.15 -13.53
CA PHE B 129 8.72 -14.21 -13.42
C PHE B 129 9.07 -13.78 -11.99
N TYR B 130 10.29 -14.08 -11.57
CA TYR B 130 10.74 -13.61 -10.25
C TYR B 130 12.01 -12.81 -10.39
N GLU B 131 13.00 -13.31 -11.13
CA GLU B 131 14.28 -12.58 -11.23
C GLU B 131 14.23 -11.39 -12.13
N THR B 132 14.86 -10.32 -11.71
CA THR B 132 14.91 -9.13 -12.52
C THR B 132 16.14 -8.32 -12.10
N GLU B 133 16.73 -7.58 -13.00
CA GLU B 133 17.85 -6.71 -12.62
C GLU B 133 17.33 -5.50 -11.81
N HIS B 134 18.01 -5.15 -10.72
CA HIS B 134 17.64 -3.95 -9.97
C HIS B 134 18.32 -2.74 -10.61
N VAL B 135 17.66 -1.58 -10.57
CA VAL B 135 18.23 -0.38 -11.11
C VAL B 135 18.06 0.70 -10.06
N GLU B 136 18.62 1.88 -10.30
CA GLU B 136 18.54 2.93 -9.33
C GLU B 136 17.08 3.36 -9.06
N ARG B 137 16.65 3.27 -7.82
CA ARG B 137 15.28 3.66 -7.48
C ARG B 137 15.34 5.21 -7.44
N LEU B 138 14.49 5.90 -8.21
CA LEU B 138 14.56 7.37 -8.30
C LEU B 138 13.70 8.12 -7.34
N THR B 139 13.24 7.41 -6.34
CA THR B 139 12.34 7.97 -5.37
C THR B 139 12.64 9.37 -4.86
N GLN B 140 13.90 9.60 -4.50
CA GLN B 140 14.26 10.89 -3.95
C GLN B 140 15.04 11.80 -4.90
N ARG B 141 14.97 11.50 -6.20
CA ARG B 141 15.64 12.29 -7.22
C ARG B 141 14.71 13.43 -7.58
N TYR B 142 14.47 14.32 -6.63
CA TYR B 142 13.61 15.50 -6.85
C TYR B 142 14.16 16.44 -7.92
N ASP B 143 15.44 16.31 -8.25
CA ASP B 143 15.99 17.13 -9.34
C ASP B 143 15.40 16.63 -10.67
N LEU B 144 14.85 15.41 -10.68
CA LEU B 144 14.23 14.88 -11.90
C LEU B 144 12.69 14.94 -11.87
N TYR B 145 12.12 15.15 -10.70
CA TYR B 145 10.67 15.15 -10.53
C TYR B 145 9.97 16.17 -11.41
N SER B 146 9.11 15.69 -12.33
CA SER B 146 8.34 16.62 -13.21
C SER B 146 6.98 16.98 -12.54
N ALA B 147 6.34 18.05 -13.01
CA ALA B 147 5.05 18.46 -12.43
C ALA B 147 3.90 17.45 -12.58
N GLY B 148 4.06 16.46 -13.48
CA GLY B 148 3.03 15.44 -13.68
C GLY B 148 3.62 14.04 -13.47
N GLU B 149 4.59 13.94 -12.55
CA GLU B 149 5.32 12.69 -12.34
C GLU B 149 4.51 11.40 -12.09
N LEU B 150 4.77 10.34 -12.87
CA LEU B 150 4.11 9.03 -12.67
C LEU B 150 5.04 8.25 -11.70
N VAL B 151 4.54 7.86 -10.53
CA VAL B 151 5.39 7.24 -9.55
C VAL B 151 5.39 5.74 -9.49
N ARG B 152 4.33 5.09 -9.93
CA ARG B 152 4.36 3.63 -9.94
C ARG B 152 3.33 2.99 -10.84
N LEU B 153 3.59 1.75 -11.25
CA LEU B 153 2.62 1.02 -12.05
C LEU B 153 1.59 0.48 -11.08
N ASP B 154 0.29 0.68 -11.35
CA ASP B 154 -0.74 0.17 -10.44
C ASP B 154 -1.53 -1.04 -10.87
N HIS B 155 -2.10 -1.00 -12.09
CA HIS B 155 -2.91 -2.12 -12.49
C HIS B 155 -3.14 -2.24 -14.01
N PHE B 156 -3.75 -3.34 -14.39
CA PHE B 156 -4.12 -3.61 -15.78
C PHE B 156 -5.66 -3.66 -15.80
N ASN B 157 -6.27 -3.55 -16.96
CA ASN B 157 -7.71 -3.72 -17.07
C ASN B 157 -7.95 -4.49 -18.40
N GLN B 158 -8.68 -5.60 -18.30
CA GLN B 158 -8.92 -6.52 -19.40
C GLN B 158 -10.40 -6.62 -19.80
N VAL B 159 -10.65 -6.70 -21.10
CA VAL B 159 -12.01 -6.83 -21.60
C VAL B 159 -12.21 -8.27 -21.97
N THR B 160 -13.29 -8.87 -21.50
CA THR B 160 -13.55 -10.29 -21.82
C THR B 160 -15.08 -10.47 -21.89
N PRO B 161 -15.57 -11.36 -22.79
CA PRO B 161 -17.01 -11.58 -22.96
C PRO B 161 -17.76 -12.18 -21.76
N ASP B 162 -17.09 -13.00 -20.98
CA ASP B 162 -17.79 -13.66 -19.88
C ASP B 162 -17.07 -13.33 -18.59
N VAL B 163 -17.59 -12.34 -17.90
CA VAL B 163 -16.97 -11.89 -16.68
C VAL B 163 -17.05 -12.90 -15.53
N PRO B 164 -18.21 -13.58 -15.36
CA PRO B 164 -18.26 -14.56 -14.23
C PRO B 164 -17.24 -15.67 -14.40
N ARG B 165 -17.01 -16.07 -15.66
CA ARG B 165 -16.04 -17.15 -15.89
C ARG B 165 -14.66 -16.64 -15.52
N GLY B 166 -14.32 -15.43 -15.99
CA GLY B 166 -13.01 -14.85 -15.69
C GLY B 166 -12.81 -14.61 -14.20
N ARG B 167 -13.85 -14.17 -13.51
CA ARG B 167 -13.72 -13.91 -12.05
C ARG B 167 -13.38 -15.18 -11.24
N ALA B 168 -14.08 -16.28 -11.52
CA ALA B 168 -13.84 -17.52 -10.77
C ALA B 168 -12.44 -18.03 -11.10
N TYR B 169 -12.03 -17.88 -12.36
CA TYR B 169 -10.68 -18.26 -12.74
C TYR B 169 -9.58 -17.43 -11.97
N LEU B 170 -9.72 -16.11 -11.93
CA LEU B 170 -8.69 -15.35 -11.17
C LEU B 170 -8.81 -15.60 -9.64
N GLU B 171 -10.01 -15.91 -9.14
CA GLU B 171 -10.12 -16.20 -7.68
C GLU B 171 -9.32 -17.47 -7.36
N ASP B 172 -9.45 -18.47 -8.25
CA ASP B 172 -8.70 -19.71 -8.10
C ASP B 172 -7.23 -19.39 -8.09
N LEU B 173 -6.82 -18.36 -8.84
CA LEU B 173 -5.41 -17.98 -8.84
C LEU B 173 -5.01 -17.23 -7.59
N GLY B 174 -5.96 -16.95 -6.69
CA GLY B 174 -5.62 -16.27 -5.46
C GLY B 174 -5.89 -14.77 -5.38
N PHE B 175 -6.47 -14.20 -6.42
CA PHE B 175 -6.80 -12.75 -6.39
C PHE B 175 -8.08 -12.63 -5.60
N ARG B 176 -8.23 -11.54 -4.84
CA ARG B 176 -9.43 -11.30 -4.07
C ARG B 176 -10.16 -10.14 -4.75
N VAL B 177 -11.49 -10.11 -4.60
CA VAL B 177 -12.32 -9.06 -5.16
C VAL B 177 -12.51 -7.97 -4.12
N SER B 178 -11.85 -6.79 -4.40
CA SER B 178 -12.08 -5.68 -3.45
C SER B 178 -13.46 -5.07 -3.75
N GLU B 179 -13.94 -4.85 -5.07
CA GLU B 179 -15.21 -4.26 -5.44
C GLU B 179 -15.74 -4.93 -6.68
N ASP B 180 -17.06 -4.96 -6.82
CA ASP B 180 -17.61 -5.51 -8.05
C ASP B 180 -18.92 -4.80 -8.34
N ILE B 181 -19.46 -5.05 -9.55
CA ILE B 181 -20.73 -4.52 -10.00
C ILE B 181 -21.61 -5.75 -10.30
N LYS B 182 -22.77 -5.84 -9.66
CA LYS B 182 -23.69 -6.96 -9.87
C LYS B 182 -25.11 -6.45 -10.09
N ASP B 183 -25.98 -7.31 -10.57
CA ASP B 183 -27.39 -6.93 -10.75
C ASP B 183 -28.11 -7.64 -9.62
N SER B 184 -29.43 -7.46 -9.56
CA SER B 184 -30.25 -8.08 -8.52
C SER B 184 -30.16 -9.63 -8.56
N ASP B 185 -29.90 -10.18 -9.74
CA ASP B 185 -29.79 -11.62 -9.88
C ASP B 185 -28.51 -12.13 -9.22
N GLY B 186 -27.58 -11.22 -8.94
CA GLY B 186 -26.31 -11.64 -8.34
C GLY B 186 -25.26 -11.93 -9.40
N VAL B 187 -25.49 -11.53 -10.65
CA VAL B 187 -24.52 -11.76 -11.72
C VAL B 187 -23.47 -10.64 -11.75
N THR B 188 -22.20 -11.03 -11.87
CA THR B 188 -21.12 -10.05 -11.92
C THR B 188 -20.95 -9.44 -13.32
N TYR B 189 -21.03 -8.11 -13.39
CA TYR B 189 -20.80 -7.40 -14.66
C TYR B 189 -19.36 -6.90 -14.78
N ALA B 190 -18.69 -6.63 -13.65
CA ALA B 190 -17.31 -6.19 -13.68
C ALA B 190 -16.72 -6.49 -12.31
N ALA B 191 -15.40 -6.69 -12.24
CA ALA B 191 -14.82 -6.97 -10.92
C ALA B 191 -13.38 -6.43 -10.88
N TRP B 192 -13.01 -5.90 -9.72
CA TRP B 192 -11.72 -5.34 -9.43
C TRP B 192 -10.99 -6.38 -8.54
N MET B 193 -9.83 -6.83 -8.98
CA MET B 193 -9.15 -7.90 -8.26
C MET B 193 -7.72 -7.63 -7.88
N HIS B 194 -7.33 -8.06 -6.69
CA HIS B 194 -5.98 -7.77 -6.21
C HIS B 194 -5.17 -8.86 -5.47
N ARG B 195 -3.85 -8.73 -5.55
CA ARG B 195 -2.91 -9.57 -4.78
C ARG B 195 -2.21 -8.60 -3.80
N LYS B 196 -1.76 -7.43 -4.31
CA LYS B 196 -1.11 -6.45 -3.46
C LYS B 196 -2.18 -5.70 -2.68
N GLN B 197 -1.75 -4.83 -1.78
CA GLN B 197 -2.71 -4.15 -0.87
C GLN B 197 -3.40 -2.89 -1.33
N THR B 198 -3.67 -2.83 -2.63
CA THR B 198 -4.44 -1.68 -3.15
C THR B 198 -5.73 -2.24 -3.73
N VAL B 199 -6.55 -1.39 -4.35
CA VAL B 199 -7.82 -1.92 -4.85
C VAL B 199 -7.71 -3.01 -5.89
N HIS B 200 -6.68 -2.94 -6.73
CA HIS B 200 -6.49 -3.99 -7.74
C HIS B 200 -5.19 -4.05 -8.45
N ASP B 201 -4.93 -5.25 -8.97
CA ASP B 201 -3.79 -5.52 -9.84
C ASP B 201 -4.35 -5.69 -11.25
N THR B 202 -5.56 -6.23 -11.34
CA THR B 202 -6.19 -6.35 -12.65
C THR B 202 -7.69 -6.24 -12.44
N ALA B 203 -8.40 -5.93 -13.50
CA ALA B 203 -9.86 -5.75 -13.44
C ALA B 203 -10.45 -6.39 -14.66
N LEU B 204 -11.70 -6.82 -14.56
CA LEU B 204 -12.34 -7.43 -15.71
C LEU B 204 -13.52 -6.56 -16.11
N THR B 205 -13.63 -6.21 -17.39
CA THR B 205 -14.73 -5.37 -17.92
C THR B 205 -15.43 -6.26 -18.95
N GLY B 206 -16.76 -6.23 -19.02
CA GLY B 206 -17.47 -7.07 -19.99
C GLY B 206 -17.42 -6.45 -21.38
N GLY B 207 -17.19 -7.25 -22.41
CA GLY B 207 -17.13 -6.73 -23.76
C GLY B 207 -16.48 -7.70 -24.74
N ASN B 208 -16.26 -7.27 -25.99
CA ASN B 208 -15.63 -8.14 -26.97
C ASN B 208 -14.15 -8.29 -26.58
N GLY B 209 -13.68 -9.53 -26.53
CA GLY B 209 -12.30 -9.72 -26.14
C GLY B 209 -11.87 -11.10 -26.57
N PRO B 210 -10.68 -11.54 -26.17
CA PRO B 210 -9.74 -10.79 -25.32
C PRO B 210 -9.13 -9.49 -25.90
N ARG B 211 -9.18 -8.45 -25.06
CA ARG B 211 -8.60 -7.15 -25.37
C ARG B 211 -8.07 -6.44 -24.13
N MET B 212 -7.04 -5.61 -24.30
CA MET B 212 -6.48 -4.84 -23.21
C MET B 212 -7.24 -3.49 -23.13
N HIS B 213 -7.92 -3.23 -22.01
CA HIS B 213 -8.64 -1.96 -21.91
C HIS B 213 -7.69 -0.83 -21.54
N HIS B 214 -6.87 -1.04 -20.52
CA HIS B 214 -5.87 -0.05 -20.18
C HIS B 214 -4.84 -0.54 -19.17
N VAL B 215 -3.75 0.21 -19.06
CA VAL B 215 -2.72 -0.03 -18.05
C VAL B 215 -2.71 1.29 -17.26
N ALA B 216 -2.50 1.24 -15.94
CA ALA B 216 -2.62 2.47 -15.12
C ALA B 216 -1.42 2.77 -14.28
N PHE B 217 -1.06 4.06 -14.20
CA PHE B 217 0.07 4.52 -13.40
C PHE B 217 -0.47 5.45 -12.36
N ALA B 218 0.20 5.53 -11.21
CA ALA B 218 -0.25 6.42 -10.16
C ALA B 218 0.62 7.68 -10.02
N THR B 219 0.05 8.79 -9.50
CA THR B 219 0.83 10.00 -9.18
C THR B 219 0.69 10.12 -7.64
N HIS B 220 1.44 11.04 -7.03
CA HIS B 220 1.34 11.25 -5.60
C HIS B 220 0.06 12.09 -5.26
N GLU B 221 -0.21 13.13 -6.04
CA GLU B 221 -1.35 14.00 -5.71
C GLU B 221 -2.25 14.33 -6.89
N LYS B 222 -3.41 14.90 -6.59
CA LYS B 222 -4.34 15.21 -7.65
C LYS B 222 -3.82 16.26 -8.62
N HIS B 223 -3.11 17.26 -8.13
CA HIS B 223 -2.60 18.29 -9.03
C HIS B 223 -1.65 17.73 -10.07
N ASN B 224 -0.98 16.59 -9.80
CA ASN B 224 -0.11 16.00 -10.84
C ASN B 224 -0.94 15.55 -12.04
N ILE B 225 -2.15 15.04 -11.80
CA ILE B 225 -3.01 14.59 -12.90
C ILE B 225 -3.50 15.80 -13.71
N ILE B 226 -3.86 16.87 -13.01
CA ILE B 226 -4.32 18.09 -13.69
C ILE B 226 -3.21 18.64 -14.59
N GLN B 227 -1.96 18.66 -14.13
CA GLN B 227 -0.83 19.13 -14.93
C GLN B 227 -0.67 18.34 -16.27
N ILE B 228 -0.91 17.02 -16.24
CA ILE B 228 -0.80 16.25 -17.47
C ILE B 228 -1.81 16.80 -18.52
N CYS B 229 -3.05 17.07 -18.08
CA CYS B 229 -4.05 17.65 -18.98
C CYS B 229 -3.60 19.01 -19.51
N ASP B 230 -3.13 19.87 -18.60
CA ASP B 230 -2.66 21.20 -18.95
C ASP B 230 -1.54 21.14 -20.01
N LYS B 231 -0.57 20.26 -19.80
CA LYS B 231 0.56 20.11 -20.71
C LYS B 231 0.05 19.62 -22.07
N MET B 232 -0.89 18.69 -22.07
CA MET B 232 -1.42 18.22 -23.35
C MET B 232 -2.17 19.33 -24.11
N GLY B 233 -2.83 20.21 -23.39
CA GLY B 233 -3.53 21.32 -24.01
C GLY B 233 -2.45 22.25 -24.59
N ALA B 234 -1.35 22.49 -23.88
CA ALA B 234 -0.32 23.37 -24.41
C ALA B 234 0.34 22.76 -25.63
N LEU B 235 0.45 21.44 -25.68
CA LEU B 235 1.05 20.79 -26.84
C LEU B 235 0.05 20.55 -27.94
N ARG B 236 -1.20 20.96 -27.72
CA ARG B 236 -2.22 20.82 -28.73
C ARG B 236 -2.59 19.40 -29.05
N ILE B 237 -2.45 18.52 -28.05
CA ILE B 237 -2.86 17.14 -28.24
C ILE B 237 -3.96 16.78 -27.28
N SER B 238 -4.80 17.76 -26.93
CA SER B 238 -5.90 17.52 -26.00
C SER B 238 -6.94 16.57 -26.59
N ASP B 239 -6.92 16.36 -27.91
CA ASP B 239 -7.86 15.39 -28.49
C ASP B 239 -7.47 13.97 -28.05
N ARG B 240 -6.28 13.79 -27.46
CA ARG B 240 -5.87 12.46 -26.97
C ARG B 240 -6.34 12.23 -25.51
N ILE B 241 -7.06 13.21 -24.92
CA ILE B 241 -7.63 13.04 -23.59
C ILE B 241 -8.98 12.49 -23.88
N GLU B 242 -9.22 11.27 -23.44
CA GLU B 242 -10.44 10.56 -23.71
C GLU B 242 -11.56 10.72 -22.69
N ARG B 243 -11.21 10.60 -21.41
CA ARG B 243 -12.18 10.64 -20.34
C ARG B 243 -11.54 11.17 -19.06
N GLY B 244 -12.22 12.08 -18.37
CA GLY B 244 -11.70 12.63 -17.12
C GLY B 244 -11.10 14.01 -17.34
N PRO B 245 -10.47 14.60 -16.33
CA PRO B 245 -10.33 13.95 -15.01
C PRO B 245 -11.61 13.88 -14.23
N GLY B 246 -11.74 12.82 -13.42
CA GLY B 246 -12.91 12.66 -12.59
C GLY B 246 -12.60 11.84 -11.35
N ARG B 247 -13.62 11.55 -10.56
CA ARG B 247 -13.50 10.72 -9.37
C ARG B 247 -14.25 9.38 -9.63
N HIS B 248 -13.59 8.25 -9.42
CA HIS B 248 -14.29 6.96 -9.64
C HIS B 248 -15.20 6.67 -8.41
N GLY B 249 -16.35 6.04 -8.63
CA GLY B 249 -17.20 5.64 -7.53
C GLY B 249 -16.44 4.38 -7.09
N VAL B 250 -16.45 3.33 -7.93
CA VAL B 250 -15.65 2.12 -7.67
C VAL B 250 -14.15 2.50 -7.55
N SER B 251 -13.51 2.11 -6.43
CA SER B 251 -12.09 2.36 -6.12
C SER B 251 -11.81 3.69 -5.47
N ASN B 252 -12.70 4.69 -5.67
CA ASN B 252 -12.55 6.01 -5.07
C ASN B 252 -11.36 6.82 -5.61
N ALA B 253 -10.70 6.32 -6.63
CA ALA B 253 -9.52 7.00 -7.18
C ALA B 253 -9.84 8.21 -8.06
N PHE B 254 -8.97 9.21 -8.00
CA PHE B 254 -9.10 10.38 -8.86
C PHE B 254 -8.41 9.89 -10.16
N TYR B 255 -9.02 10.11 -11.33
CA TYR B 255 -8.48 9.48 -12.54
C TYR B 255 -8.46 10.31 -13.82
N LEU B 256 -7.76 9.78 -14.82
CA LEU B 256 -7.65 10.39 -16.17
C LEU B 256 -7.32 9.28 -17.19
N TYR B 257 -8.00 9.24 -18.34
CA TYR B 257 -7.62 8.25 -19.34
C TYR B 257 -7.16 9.01 -20.58
N ILE B 258 -5.98 8.67 -21.10
CA ILE B 258 -5.48 9.32 -22.29
C ILE B 258 -5.12 8.23 -23.29
N LEU B 259 -4.96 8.60 -24.56
CA LEU B 259 -4.63 7.64 -25.61
C LEU B 259 -3.22 7.83 -26.21
N ASP B 260 -2.46 6.75 -26.39
CA ASP B 260 -1.13 6.94 -26.99
C ASP B 260 -1.29 7.04 -28.51
N PRO B 261 -0.19 7.23 -29.23
CA PRO B 261 -0.29 7.35 -30.70
C PRO B 261 -0.91 6.19 -31.47
N ASP B 262 -0.90 4.98 -30.92
CA ASP B 262 -1.53 3.87 -31.62
C ASP B 262 -2.91 3.64 -31.06
N GLY B 263 -3.35 4.50 -30.15
CA GLY B 263 -4.67 4.30 -29.58
C GLY B 263 -4.71 3.44 -28.30
N HIS B 264 -3.55 3.00 -27.79
CA HIS B 264 -3.57 2.23 -26.51
C HIS B 264 -3.98 3.20 -25.38
N ARG B 265 -4.84 2.74 -24.48
CA ARG B 265 -5.34 3.57 -23.40
C ARG B 265 -4.50 3.47 -22.13
N ILE B 266 -4.14 4.65 -21.59
CA ILE B 266 -3.34 4.76 -20.40
C ILE B 266 -4.17 5.48 -19.32
N GLU B 267 -4.24 4.92 -18.14
CA GLU B 267 -4.93 5.59 -17.05
C GLU B 267 -3.92 6.17 -16.09
N ILE B 268 -4.18 7.36 -15.54
CA ILE B 268 -3.33 7.99 -14.53
C ILE B 268 -4.33 8.03 -13.40
N TYR B 269 -3.89 7.61 -12.22
CA TYR B 269 -4.78 7.34 -11.09
C TYR B 269 -4.14 7.78 -9.76
N THR B 270 -4.91 8.15 -8.76
CA THR B 270 -4.29 8.42 -7.48
C THR B 270 -5.30 8.31 -6.38
N GLN B 271 -4.78 7.88 -5.24
CA GLN B 271 -5.48 7.77 -4.01
C GLN B 271 -6.54 6.75 -3.72
N ASP B 272 -6.25 5.48 -3.93
CA ASP B 272 -7.26 4.53 -3.51
C ASP B 272 -6.92 4.17 -2.04
N TYR B 273 -7.50 3.08 -1.53
CA TYR B 273 -7.40 2.73 -0.11
C TYR B 273 -6.80 1.36 0.13
N TYR B 274 -6.50 1.07 1.40
CA TYR B 274 -5.90 -0.20 1.84
C TYR B 274 -6.84 -1.45 1.82
N THR B 275 -6.42 -2.56 1.19
CA THR B 275 -7.25 -3.76 1.10
C THR B 275 -6.50 -5.02 1.68
N GLY B 276 -5.40 -4.78 2.37
CA GLY B 276 -4.54 -5.87 2.82
C GLY B 276 -5.11 -6.81 3.87
N ASP B 277 -6.16 -6.36 4.63
CA ASP B 277 -6.62 -7.22 5.69
C ASP B 277 -7.31 -8.47 5.09
N PRO B 278 -7.25 -9.58 5.88
CA PRO B 278 -7.84 -10.85 5.43
C PRO B 278 -9.34 -10.85 5.17
N ASP B 279 -10.10 -10.02 5.87
CA ASP B 279 -11.53 -9.98 5.67
C ASP B 279 -11.94 -8.63 5.11
N ASN B 280 -11.02 -7.99 4.38
CA ASN B 280 -11.35 -6.70 3.76
C ASN B 280 -12.74 -6.87 3.11
N PRO B 281 -13.68 -5.99 3.43
CA PRO B 281 -15.06 -6.03 2.91
C PRO B 281 -15.17 -5.79 1.39
N THR B 282 -15.84 -6.67 0.67
CA THR B 282 -16.03 -6.44 -0.76
C THR B 282 -17.12 -5.36 -0.90
N ILE B 283 -16.90 -4.39 -1.76
CA ILE B 283 -17.92 -3.37 -1.97
C ILE B 283 -18.70 -3.74 -3.25
N THR B 284 -20.00 -3.98 -3.15
CA THR B 284 -20.81 -4.31 -4.33
C THR B 284 -21.67 -3.14 -4.76
N TRP B 285 -21.58 -2.79 -6.03
CA TRP B 285 -22.36 -1.69 -6.59
C TRP B 285 -23.43 -2.26 -7.51
N ASP B 286 -24.60 -1.65 -7.47
CA ASP B 286 -25.66 -2.11 -8.33
C ASP B 286 -25.42 -1.57 -9.72
N VAL B 287 -25.76 -2.34 -10.76
CA VAL B 287 -25.59 -1.90 -12.14
C VAL B 287 -26.31 -0.60 -12.48
N HIS B 288 -27.35 -0.23 -11.72
CA HIS B 288 -28.08 1.00 -12.05
C HIS B 288 -27.64 2.21 -11.22
N ASP B 289 -26.66 2.03 -10.35
CA ASP B 289 -26.19 3.15 -9.54
C ASP B 289 -25.38 4.03 -10.46
N ASN B 290 -25.85 5.26 -10.69
CA ASN B 290 -25.20 6.26 -11.56
C ASN B 290 -23.88 6.81 -11.09
N GLN B 291 -23.51 6.53 -9.85
CA GLN B 291 -22.24 7.03 -9.35
C GLN B 291 -21.17 5.93 -9.29
N ARG B 292 -21.49 4.75 -9.79
CA ARG B 292 -20.51 3.68 -9.70
C ARG B 292 -19.26 3.91 -10.52
N ARG B 293 -19.40 4.55 -11.68
CA ARG B 293 -18.24 4.75 -12.57
C ARG B 293 -17.63 6.11 -12.21
N ASP B 294 -18.41 7.15 -12.43
CA ASP B 294 -18.00 8.48 -12.11
C ASP B 294 -18.86 9.00 -10.92
N TRP B 295 -18.20 9.22 -9.80
CA TRP B 295 -18.78 9.71 -8.57
C TRP B 295 -19.47 11.06 -8.84
N TRP B 296 -18.98 11.83 -9.83
CA TRP B 296 -19.61 13.13 -10.08
C TRP B 296 -20.76 13.09 -11.12
N GLY B 297 -21.16 11.88 -11.51
CA GLY B 297 -22.23 11.74 -12.48
C GLY B 297 -21.85 12.17 -13.90
N ASN B 298 -20.56 12.41 -14.19
CA ASN B 298 -20.16 12.83 -15.56
C ASN B 298 -20.52 11.79 -16.60
N PRO B 299 -20.71 12.26 -17.83
CA PRO B 299 -21.06 11.35 -18.93
C PRO B 299 -19.86 10.44 -19.31
N VAL B 300 -20.07 9.13 -19.48
CA VAL B 300 -18.98 8.20 -19.92
C VAL B 300 -18.93 8.13 -21.45
N VAL B 301 -17.83 8.58 -22.06
CA VAL B 301 -17.66 8.55 -23.51
C VAL B 301 -17.88 7.14 -24.12
N PRO B 302 -18.64 7.08 -25.21
CA PRO B 302 -18.90 5.77 -25.86
C PRO B 302 -17.65 4.97 -26.25
N SER B 303 -16.61 5.68 -26.69
CA SER B 303 -15.38 4.99 -27.10
C SER B 303 -14.74 4.18 -25.92
N TRP B 304 -14.97 4.61 -24.68
CA TRP B 304 -14.39 3.99 -23.49
C TRP B 304 -14.91 2.56 -23.37
N TYR B 305 -16.16 2.32 -23.78
CA TYR B 305 -16.70 0.95 -23.74
C TYR B 305 -16.44 0.13 -25.01
N THR B 306 -16.18 0.79 -26.12
CA THR B 306 -15.98 0.00 -27.33
C THR B 306 -14.54 -0.18 -27.85
N GLU B 307 -13.63 0.75 -27.59
CA GLU B 307 -12.27 0.64 -28.11
C GLU B 307 -11.33 0.07 -27.03
N ALA B 308 -10.46 -0.84 -27.47
CA ALA B 308 -9.52 -1.50 -26.59
C ALA B 308 -8.48 -2.17 -27.51
N SER B 309 -7.31 -2.46 -26.97
CA SER B 309 -6.24 -3.06 -27.73
C SER B 309 -6.25 -4.58 -27.94
N LEU B 310 -5.84 -5.00 -29.14
CA LEU B 310 -5.70 -6.41 -29.43
C LEU B 310 -4.57 -7.00 -28.56
N VAL B 311 -4.64 -8.28 -28.25
CA VAL B 311 -3.53 -8.91 -27.50
C VAL B 311 -3.01 -10.00 -28.44
N LEU B 312 -1.74 -10.38 -28.27
CA LEU B 312 -1.07 -11.40 -29.09
C LEU B 312 -0.99 -12.79 -28.48
N ASP B 313 -0.95 -13.82 -29.34
CA ASP B 313 -0.81 -15.16 -28.82
C ASP B 313 0.70 -15.32 -28.63
N LEU B 314 1.14 -16.51 -28.24
CA LEU B 314 2.59 -16.70 -28.02
C LEU B 314 3.47 -16.71 -29.28
N ASP B 315 2.86 -16.75 -30.46
CA ASP B 315 3.64 -16.68 -31.70
C ASP B 315 3.69 -15.26 -32.19
N GLY B 316 3.10 -14.31 -31.48
CA GLY B 316 3.18 -12.96 -31.97
C GLY B 316 2.05 -12.51 -32.90
N ASN B 317 1.03 -13.34 -33.04
CA ASN B 317 -0.13 -13.00 -33.87
C ASN B 317 -1.34 -12.62 -33.03
N PRO B 318 -2.16 -11.71 -33.55
CA PRO B 318 -3.32 -11.32 -32.76
C PRO B 318 -4.32 -12.41 -32.44
N GLN B 319 -4.80 -12.41 -31.22
CA GLN B 319 -5.86 -13.34 -30.78
C GLN B 319 -7.16 -12.78 -31.42
N PRO B 320 -7.97 -13.65 -32.04
CA PRO B 320 -9.23 -13.22 -32.67
C PRO B 320 -10.20 -12.72 -31.57
N VAL B 321 -10.90 -11.63 -31.85
CA VAL B 321 -11.83 -11.06 -30.90
C VAL B 321 -13.20 -11.71 -31.02
N ILE B 322 -13.71 -12.21 -29.88
CA ILE B 322 -15.02 -12.85 -29.83
C ILE B 322 -16.00 -11.69 -29.65
N VAL B 323 -17.03 -11.59 -30.48
CA VAL B 323 -17.92 -10.41 -30.44
C VAL B 323 -19.22 -10.61 -29.71
#